data_9KZ8
#
_entry.id   9KZ8
#
_cell.length_a   1.00
_cell.length_b   1.00
_cell.length_c   1.00
_cell.angle_alpha   90.00
_cell.angle_beta   90.00
_cell.angle_gamma   90.00
#
_symmetry.space_group_name_H-M   'P 1'
#
loop_
_entity.id
_entity.type
_entity.pdbx_description
1 polymer 'Muscarinic acetylcholine receptor M4,C3a anaphylatoxin chemotactic receptor'
2 polymer 'Guanine nucleotide-binding protein G(o) subunit alpha'
3 polymer 'Guanine nucleotide-binding protein G(I)/G(S)/G(T) subunit beta-1'
4 polymer 'Guanine nucleotide-binding protein G(I)/G(S)/G(O) subunit gamma-2'
5 polymer 'Antibody fragment - ScFv16'
6 polymer 'EP67 ligand'
#
loop_
_entity_poly.entity_id
_entity_poly.type
_entity_poly.pdbx_seq_one_letter_code
_entity_poly.pdbx_strand_id
1 'polypeptide(L)'
;MGKTIIALSYIFCLVFADYKDDDDAANFTPVNGSSGNQSVRLVTSSSLEVLFQGPGSESFDADTNSTDLHSRPLFQPQDI
ASMVILGLTCLLGLLGNGLVLWVAGVKMKTTVNTVWFLHLTLADFLCCLSLPFSLAHLILQGHWPYGLFLCKLIPSIIIL
NMFASVFLLTAISLDRCLIVHKPIWCQNHRNVRTAFAICGCVWVVAFVMCVPVFVYRDLFIMDNRSICRYNFDSSRSYDY
WDYVYKLSLPESNSTDNSTAQLTGHMNDRSAPSSVQARDYFWTVTTALQSQPFLTSPEDSFSLDSANQQPHYGGKPPNVL
TAAVPSGFPVEDRKSNTLNADAFLSAHTELFPTASSGHLYPYDFQGDYVDQFTYDNHVPTPLMAITITRLVVGFLVPFFI
MVICYSLIVFRMRKTNFTKSRNKTFRVAVAVVTVFFICWTPYHLVGVLLLITDPESSLGEAVMSWDHMSIALASANSCFN
PFLYALLGKDFRKKARQSIKGILEAAFSEELTHSTNCTQDKASSKRNNMSTDV
;
C
2 'polypeptide(L)'
;MGHHHHHHENLYFQGTLSAEERAALERSKAIEKNLKEDGISAAKDVKLLLLGADNSGKSTIVKQMKIIHGGSGGSGGTTG
IVETHFTFKNLHFRLFDVGGQRSERKKWIHCFEDVTAIIFCVDLSDYDQVLHEDETTNRMHESLMLFDSICNNKFFIDTS
IILFLNKKDLFGEKIKKSPLTICFPEYTGPNTYEDAAAYIQAQFESKNRSPNKEIYCHMTCATDTNNAQVIFDAVTDIII
ANNLRGCGLY
;
A
3 'polypeptide(L)'
;MHHHHHHGSSGSELDQLRQEAEQLKNQIRDARKACADATLSQITNNIDPVGRIQMRTRRTLRGHLAKIYAMHWGTDSRLL
VSASQDGKLIIWDSYTTNKVHAIPLRSSWVMTCAYAPSGNYVACGGLDNICSIYNLKTREGNVRVSRELAGHTGYLSCCR
FLDDNQIVTSSGDTTCALWDIETGQQTTTFTGHTGDVMSLSLAPDTRLFVSGACDASAKLWDVREGMCRQTFTGHESDIN
AICFFPNGNAFATGSDDATCRLFDLRADQELMTYSHDNIICGITSVSFSKSGRLLLAGYDDFNCNVWDALKADRAGVLAG
HDNRVSCLGVTDDGMAVATGSWDSFLKIWN
;
B
4 'polypeptide(L)' MASNNTASIAQARKLVEQLKMEANIDRIKVSKAAADLMAYCEAHAKEDPLLTPVPASENPFREKKFFCAIL G
5 'polypeptide(L)'
;DVQLVESGGGLVQPGGSRKLSCSASGFAFSSFGMHWVRQAPEKGLEWVAYISSGSGTIYYADTVKGRFTISRDDPKNTLF
LQMTSLRSEDTAMYYCVRSIYYYGSSPFDFWGQGTTLTVSSGGGGSGGGGSGGGGSDIVMTQATSSVPVTPGESVSISCR
SSKSLLHSNGNTYLYWFLQRPGQSPQLLIYRMSNLASGVPDRFSGSGSGTAFTLTISRLEAEDVGVYYCMQHLEYPLTFG
AGTKLELK
;
H
6 'polypeptide(L)' YSFKDMP(MLE)(DAL)R D
#
# COMPACT_ATOMS: atom_id res chain seq x y z
N PRO A 73 52.23 -37.92 11.14
CA PRO A 73 52.07 -36.56 10.61
C PRO A 73 51.07 -35.73 11.41
N LEU A 74 51.24 -34.41 11.38
CA LEU A 74 50.33 -33.53 12.12
C LEU A 74 48.93 -33.57 11.52
N PHE A 75 48.84 -33.62 10.20
CA PHE A 75 47.55 -33.61 9.50
C PHE A 75 47.19 -35.04 9.11
N GLN A 76 46.22 -35.60 9.83
CA GLN A 76 45.64 -36.88 9.46
C GLN A 76 44.87 -36.72 8.15
N PRO A 77 44.92 -37.71 7.25
CA PRO A 77 44.20 -37.55 5.97
C PRO A 77 42.70 -37.29 6.13
N GLN A 78 42.05 -37.90 7.11
CA GLN A 78 40.67 -37.53 7.40
C GLN A 78 40.57 -36.09 7.86
N ASP A 79 41.57 -35.60 8.60
CA ASP A 79 41.54 -34.21 9.05
C ASP A 79 41.63 -33.24 7.87
N ILE A 80 42.54 -33.49 6.93
CA ILE A 80 42.65 -32.58 5.79
C ILE A 80 41.43 -32.69 4.89
N ALA A 81 40.89 -33.90 4.72
CA ALA A 81 39.65 -34.05 3.96
C ALA A 81 38.52 -33.25 4.60
N SER A 82 38.39 -33.33 5.92
CA SER A 82 37.39 -32.56 6.63
C SER A 82 37.61 -31.06 6.44
N MET A 83 38.87 -30.62 6.55
CA MET A 83 39.16 -29.19 6.40
C MET A 83 38.80 -28.68 5.02
N VAL A 84 39.17 -29.42 3.97
CA VAL A 84 38.90 -28.95 2.61
C VAL A 84 37.40 -28.97 2.32
N ILE A 85 36.70 -30.03 2.76
CA ILE A 85 35.26 -30.08 2.50
C ILE A 85 34.55 -29.00 3.30
N LEU A 86 35.01 -28.71 4.52
CA LEU A 86 34.41 -27.65 5.31
C LEU A 86 34.63 -26.29 4.65
N GLY A 87 35.83 -26.04 4.14
CA GLY A 87 36.06 -24.78 3.45
C GLY A 87 35.20 -24.62 2.21
N LEU A 88 35.11 -25.68 1.41
CA LEU A 88 34.29 -25.62 0.20
C LEU A 88 32.83 -25.40 0.53
N THR A 89 32.30 -26.14 1.51
CA THR A 89 30.89 -25.96 1.88
C THR A 89 30.65 -24.60 2.50
N CYS A 90 31.63 -24.06 3.23
CA CYS A 90 31.49 -22.72 3.78
C CYS A 90 31.36 -21.70 2.67
N LEU A 91 32.25 -21.76 1.68
CA LEU A 91 32.19 -20.80 0.57
C LEU A 91 30.87 -20.92 -0.18
N LEU A 92 30.49 -22.15 -0.55
CA LEU A 92 29.28 -22.34 -1.34
C LEU A 92 28.04 -21.92 -0.55
N GLY A 93 27.97 -22.30 0.73
CA GLY A 93 26.82 -21.93 1.53
C GLY A 93 26.73 -20.43 1.79
N LEU A 94 27.87 -19.79 2.03
CA LEU A 94 27.87 -18.34 2.18
C LEU A 94 27.31 -17.67 0.94
N LEU A 95 27.82 -18.06 -0.24
CA LEU A 95 27.34 -17.46 -1.48
C LEU A 95 25.85 -17.69 -1.66
N GLY A 96 25.41 -18.95 -1.54
CA GLY A 96 24.01 -19.27 -1.80
C GLY A 96 23.07 -18.62 -0.81
N ASN A 97 23.40 -18.70 0.49
CA ASN A 97 22.54 -18.11 1.50
C ASN A 97 22.50 -16.60 1.40
N GLY A 98 23.63 -15.96 1.10
CA GLY A 98 23.60 -14.53 0.89
C GLY A 98 22.72 -14.12 -0.27
N LEU A 99 22.86 -14.83 -1.40
CA LEU A 99 22.03 -14.52 -2.56
C LEU A 99 20.55 -14.71 -2.24
N VAL A 100 20.21 -15.85 -1.63
CA VAL A 100 18.80 -16.14 -1.34
C VAL A 100 18.23 -15.14 -0.35
N LEU A 101 18.96 -14.84 0.72
CA LEU A 101 18.48 -13.88 1.70
C LEU A 101 18.28 -12.51 1.07
N TRP A 102 19.24 -12.04 0.28
CA TRP A 102 19.12 -10.73 -0.34
C TRP A 102 17.91 -10.68 -1.26
N VAL A 103 17.76 -11.67 -2.15
CA VAL A 103 16.68 -11.61 -3.12
C VAL A 103 15.33 -11.72 -2.43
N ALA A 104 15.20 -12.62 -1.45
CA ALA A 104 13.90 -12.83 -0.83
C ALA A 104 13.57 -11.76 0.21
N GLY A 105 14.56 -10.98 0.65
CA GLY A 105 14.29 -9.89 1.56
C GLY A 105 14.23 -8.52 0.93
N VAL A 106 14.64 -8.38 -0.33
CA VAL A 106 14.58 -7.11 -1.05
C VAL A 106 13.61 -7.17 -2.22
N LYS A 107 13.80 -8.15 -3.11
CA LYS A 107 13.01 -8.19 -4.34
C LYS A 107 11.54 -8.45 -4.06
N MET A 108 11.24 -9.42 -3.20
CA MET A 108 9.87 -9.78 -2.90
C MET A 108 9.52 -9.50 -1.44
N LYS A 109 8.23 -9.41 -1.19
CA LYS A 109 7.71 -9.24 0.16
C LYS A 109 7.56 -10.60 0.83
N THR A 110 7.30 -10.56 2.15
CA THR A 110 7.21 -11.77 2.96
C THR A 110 5.77 -12.29 2.90
N THR A 111 5.49 -13.11 1.89
CA THR A 111 4.18 -13.72 1.77
C THR A 111 4.13 -14.97 2.65
N VAL A 112 3.04 -15.74 2.54
CA VAL A 112 2.85 -16.90 3.41
C VAL A 112 3.86 -17.99 3.08
N ASN A 113 4.18 -18.17 1.80
CA ASN A 113 4.99 -19.28 1.35
C ASN A 113 6.48 -18.95 1.25
N THR A 114 6.90 -17.78 1.74
CA THR A 114 8.31 -17.39 1.68
C THR A 114 8.97 -17.23 3.03
N VAL A 115 8.21 -17.09 4.12
CA VAL A 115 8.82 -16.87 5.43
C VAL A 115 9.60 -18.11 5.87
N TRP A 116 9.11 -19.30 5.52
CA TRP A 116 9.83 -20.52 5.86
C TRP A 116 11.20 -20.54 5.19
N PHE A 117 11.24 -20.17 3.90
CA PHE A 117 12.52 -20.10 3.20
C PHE A 117 13.43 -19.06 3.81
N LEU A 118 12.86 -17.90 4.19
CA LEU A 118 13.66 -16.87 4.85
C LEU A 118 14.32 -17.40 6.11
N HIS A 119 13.55 -18.03 6.98
CA HIS A 119 14.12 -18.49 8.24
C HIS A 119 15.11 -19.63 8.04
N LEU A 120 14.80 -20.55 7.12
CA LEU A 120 15.73 -21.65 6.85
C LEU A 120 17.05 -21.14 6.31
N THR A 121 16.99 -20.22 5.34
CA THR A 121 18.23 -19.70 4.76
C THR A 121 18.96 -18.81 5.75
N LEU A 122 18.25 -18.16 6.68
CA LEU A 122 18.92 -17.38 7.70
C LEU A 122 19.69 -18.28 8.66
N ALA A 123 19.07 -19.38 9.10
CA ALA A 123 19.77 -20.33 9.96
C ALA A 123 20.97 -20.93 9.25
N ASP A 124 20.81 -21.27 7.96
CA ASP A 124 21.93 -21.83 7.21
C ASP A 124 23.03 -20.79 7.02
N PHE A 125 22.68 -19.52 6.82
CA PHE A 125 23.68 -18.47 6.70
C PHE A 125 24.45 -18.29 8.00
N LEU A 126 23.75 -18.35 9.14
CA LEU A 126 24.45 -18.29 10.43
C LEU A 126 25.39 -19.48 10.60
N CYS A 127 24.94 -20.67 10.21
CA CYS A 127 25.81 -21.84 10.30
C CYS A 127 27.04 -21.68 9.43
N CYS A 128 26.87 -21.19 8.21
CA CYS A 128 27.99 -21.02 7.30
C CYS A 128 28.94 -19.94 7.79
N LEU A 129 28.40 -18.89 8.43
CA LEU A 129 29.25 -17.83 8.96
C LEU A 129 30.04 -18.31 10.17
N SER A 130 29.45 -19.19 10.98
CA SER A 130 30.15 -19.72 12.15
C SER A 130 31.10 -20.86 11.81
N LEU A 131 30.95 -21.48 10.65
CA LEU A 131 31.84 -22.58 10.27
C LEU A 131 33.32 -22.21 10.21
N PRO A 132 33.73 -21.02 9.73
CA PRO A 132 35.17 -20.70 9.74
C PRO A 132 35.79 -20.74 11.12
N PHE A 133 35.01 -20.58 12.18
CA PHE A 133 35.53 -20.80 13.52
C PHE A 133 35.98 -22.24 13.69
N SER A 134 35.17 -23.19 13.18
CA SER A 134 35.57 -24.59 13.19
C SER A 134 36.77 -24.82 12.29
N LEU A 135 36.85 -24.10 11.17
CA LEU A 135 38.04 -24.18 10.31
C LEU A 135 39.29 -23.79 11.08
N ALA A 136 39.24 -22.66 11.79
CA ALA A 136 40.40 -22.17 12.52
C ALA A 136 40.74 -23.06 13.70
N HIS A 137 39.72 -23.67 14.33
CA HIS A 137 39.98 -24.50 15.51
C HIS A 137 40.81 -25.73 15.16
N LEU A 138 40.49 -26.39 14.05
CA LEU A 138 41.18 -27.63 13.68
C LEU A 138 42.35 -27.31 12.74
N ILE A 139 43.38 -26.71 13.33
CA ILE A 139 44.59 -26.40 12.56
C ILE A 139 45.79 -27.08 13.19
N LEU A 140 46.15 -26.69 14.42
CA LEU A 140 47.32 -27.27 15.05
C LEU A 140 46.91 -28.31 16.10
N GLN A 141 46.22 -27.87 17.16
CA GLN A 141 45.40 -28.77 17.98
C GLN A 141 44.05 -28.19 18.37
N GLY A 142 43.88 -26.87 18.36
CA GLY A 142 42.67 -26.26 18.86
C GLY A 142 42.82 -25.70 20.27
N HIS A 143 43.90 -24.97 20.51
CA HIS A 143 44.14 -24.36 21.82
C HIS A 143 43.15 -23.25 22.12
N TRP A 144 42.42 -22.76 21.12
CA TRP A 144 41.40 -21.71 21.26
C TRP A 144 41.97 -20.49 21.97
N PRO A 145 42.84 -19.72 21.32
CA PRO A 145 43.35 -18.48 21.93
C PRO A 145 42.45 -17.27 21.63
N TYR A 146 41.19 -17.36 22.06
CA TYR A 146 40.24 -16.30 21.78
C TYR A 146 39.69 -15.68 23.05
N GLY A 147 39.42 -16.48 24.07
CA GLY A 147 38.95 -15.95 25.33
C GLY A 147 38.05 -16.95 26.04
N LEU A 148 37.18 -16.41 26.89
CA LEU A 148 36.31 -17.20 27.75
C LEU A 148 34.84 -17.14 27.34
N PHE A 149 34.29 -15.92 27.20
CA PHE A 149 32.87 -15.79 26.86
C PHE A 149 32.59 -16.39 25.48
N LEU A 150 33.49 -16.18 24.53
CA LEU A 150 33.32 -16.78 23.21
C LEU A 150 33.31 -18.31 23.29
N CYS A 151 34.12 -18.88 24.19
CA CYS A 151 34.10 -20.33 24.37
C CYS A 151 32.75 -20.81 24.88
N LYS A 152 32.03 -19.97 25.63
CA LYS A 152 30.72 -20.32 26.13
C LYS A 152 29.58 -19.89 25.20
N LEU A 153 29.88 -19.15 24.14
CA LEU A 153 28.85 -18.63 23.24
C LEU A 153 28.87 -19.27 21.86
N ILE A 154 30.05 -19.42 21.25
CA ILE A 154 30.11 -19.85 19.85
C ILE A 154 29.56 -21.25 19.64
N PRO A 155 29.94 -22.27 20.41
CA PRO A 155 29.31 -23.60 20.21
C PRO A 155 27.80 -23.56 20.36
N SER A 156 27.30 -22.77 21.31
CA SER A 156 25.87 -22.63 21.48
C SER A 156 25.22 -22.04 20.24
N ILE A 157 25.83 -21.00 19.66
CA ILE A 157 25.29 -20.39 18.45
C ILE A 157 25.28 -21.40 17.30
N ILE A 158 26.36 -22.17 17.16
CA ILE A 158 26.45 -23.14 16.07
C ILE A 158 25.36 -24.18 16.20
N ILE A 159 25.24 -24.79 17.38
CA ILE A 159 24.22 -25.82 17.58
C ILE A 159 22.83 -25.24 17.43
N LEU A 160 22.63 -24.01 17.90
CA LEU A 160 21.33 -23.36 17.80
C LEU A 160 20.92 -23.18 16.36
N ASN A 161 21.81 -22.68 15.50
CA ASN A 161 21.43 -22.47 14.12
C ASN A 161 21.25 -23.81 13.38
N MET A 162 22.08 -24.80 13.70
CA MET A 162 21.95 -26.10 13.03
C MET A 162 20.61 -26.76 13.35
N PHE A 163 20.26 -26.82 14.64
CA PHE A 163 18.97 -27.42 15.00
C PHE A 163 17.80 -26.53 14.62
N ALA A 164 17.99 -25.21 14.54
CA ALA A 164 16.95 -24.36 13.97
C ALA A 164 16.69 -24.73 12.51
N SER A 165 17.76 -25.00 11.76
CA SER A 165 17.59 -25.42 10.37
C SER A 165 16.83 -26.73 10.29
N VAL A 166 17.19 -27.71 11.13
CA VAL A 166 16.51 -29.00 11.02
C VAL A 166 15.04 -28.89 11.44
N PHE A 167 14.76 -28.12 12.50
CA PHE A 167 13.37 -27.94 12.90
C PHE A 167 12.58 -27.16 11.86
N LEU A 168 13.23 -26.22 11.16
CA LEU A 168 12.54 -25.50 10.10
C LEU A 168 12.25 -26.41 8.92
N LEU A 169 13.14 -27.35 8.62
CA LEU A 169 12.85 -28.34 7.59
C LEU A 169 11.63 -29.17 7.96
N THR A 170 11.57 -29.61 9.22
CA THR A 170 10.41 -30.37 9.68
C THR A 170 9.13 -29.54 9.59
N ALA A 171 9.22 -28.26 9.97
CA ALA A 171 8.05 -27.38 9.90
C ALA A 171 7.60 -27.18 8.46
N ILE A 172 8.54 -27.06 7.53
CA ILE A 172 8.19 -26.91 6.12
C ILE A 172 7.47 -28.15 5.62
N SER A 173 7.97 -29.34 6.00
CA SER A 173 7.29 -30.57 5.59
C SER A 173 5.88 -30.64 6.17
N LEU A 174 5.73 -30.28 7.45
CA LEU A 174 4.40 -30.28 8.06
C LEU A 174 3.46 -29.30 7.37
N ASP A 175 3.98 -28.12 7.01
CA ASP A 175 3.17 -27.13 6.32
C ASP A 175 2.72 -27.63 4.96
N ARG A 176 3.62 -28.28 4.22
CA ARG A 176 3.24 -28.83 2.92
C ARG A 176 2.17 -29.89 3.06
N CYS A 177 2.31 -30.76 4.07
CA CYS A 177 1.28 -31.77 4.31
C CYS A 177 -0.06 -31.12 4.64
N LEU A 178 -0.05 -30.09 5.47
CA LEU A 178 -1.28 -29.40 5.83
C LEU A 178 -1.93 -28.74 4.61
N ILE A 179 -1.11 -28.14 3.74
CA ILE A 179 -1.64 -27.52 2.53
C ILE A 179 -2.30 -28.57 1.64
N VAL A 180 -1.63 -29.70 1.44
CA VAL A 180 -2.16 -30.69 0.52
C VAL A 180 -3.43 -31.34 1.07
N HIS A 181 -3.47 -31.60 2.38
CA HIS A 181 -4.58 -32.37 2.93
C HIS A 181 -5.75 -31.51 3.40
N LYS A 182 -5.50 -30.31 3.94
CA LYS A 182 -6.55 -29.46 4.50
C LYS A 182 -6.52 -28.11 3.80
N PRO A 183 -7.24 -27.97 2.69
CA PRO A 183 -7.21 -26.70 1.94
C PRO A 183 -8.10 -25.62 2.53
N ILE A 184 -9.27 -26.00 3.05
CA ILE A 184 -10.20 -25.01 3.58
C ILE A 184 -9.62 -24.34 4.83
N TRP A 185 -9.06 -25.14 5.73
CA TRP A 185 -8.47 -24.58 6.95
C TRP A 185 -7.29 -23.67 6.62
N CYS A 186 -6.45 -24.07 5.66
CA CYS A 186 -5.33 -23.23 5.28
C CYS A 186 -5.81 -21.93 4.63
N GLN A 187 -6.87 -22.01 3.82
CA GLN A 187 -7.40 -20.81 3.20
C GLN A 187 -7.98 -19.85 4.23
N ASN A 188 -8.68 -20.38 5.23
CA ASN A 188 -9.49 -19.54 6.11
C ASN A 188 -8.76 -19.12 7.39
N HIS A 189 -7.74 -19.85 7.83
CA HIS A 189 -7.09 -19.56 9.11
C HIS A 189 -5.58 -19.44 9.05
N ARG A 190 -4.96 -19.67 7.90
CA ARG A 190 -3.50 -19.66 7.77
C ARG A 190 -3.07 -18.43 7.01
N ASN A 191 -2.16 -17.66 7.59
CA ASN A 191 -1.67 -16.42 6.99
C ASN A 191 -0.22 -16.21 7.44
N VAL A 192 0.28 -14.99 7.24
CA VAL A 192 1.67 -14.69 7.58
C VAL A 192 1.88 -14.70 9.09
N ARG A 193 0.90 -14.19 9.86
CA ARG A 193 1.08 -14.08 11.29
C ARG A 193 1.23 -15.45 11.95
N THR A 194 0.40 -16.42 11.53
CA THR A 194 0.50 -17.76 12.11
C THR A 194 1.83 -18.41 11.75
N ALA A 195 2.30 -18.21 10.52
CA ALA A 195 3.60 -18.75 10.13
C ALA A 195 4.71 -18.16 10.96
N PHE A 196 4.68 -16.84 11.18
CA PHE A 196 5.69 -16.21 12.03
C PHE A 196 5.60 -16.72 13.46
N ALA A 197 4.38 -16.95 13.96
CA ALA A 197 4.22 -17.47 15.32
C ALA A 197 4.83 -18.86 15.46
N ILE A 198 4.55 -19.75 14.51
CA ILE A 198 5.10 -21.10 14.61
C ILE A 198 6.61 -21.10 14.39
N CYS A 199 7.11 -20.19 13.55
CA CYS A 199 8.56 -20.08 13.38
C CYS A 199 9.23 -19.59 14.66
N GLY A 200 8.61 -18.61 15.33
CA GLY A 200 9.12 -18.20 16.62
C GLY A 200 9.08 -19.34 17.63
N CYS A 201 8.04 -20.16 17.56
CA CYS A 201 7.94 -21.31 18.46
C CYS A 201 9.09 -22.29 18.24
N VAL A 202 9.38 -22.61 16.98
CA VAL A 202 10.46 -23.56 16.73
C VAL A 202 11.81 -22.95 17.08
N TRP A 203 11.97 -21.63 16.89
CA TRP A 203 13.20 -20.96 17.32
C TRP A 203 13.37 -21.07 18.84
N VAL A 204 12.29 -20.87 19.59
CA VAL A 204 12.35 -20.99 21.04
C VAL A 204 12.67 -22.42 21.45
N VAL A 205 12.10 -23.39 20.74
CA VAL A 205 12.41 -24.79 21.03
C VAL A 205 13.91 -25.06 20.82
N ALA A 206 14.46 -24.54 19.72
CA ALA A 206 15.89 -24.70 19.48
C ALA A 206 16.72 -24.05 20.58
N PHE A 207 16.33 -22.85 21.02
CA PHE A 207 17.06 -22.17 22.08
C PHE A 207 17.02 -22.97 23.38
N VAL A 208 15.85 -23.50 23.73
CA VAL A 208 15.72 -24.31 24.95
C VAL A 208 16.59 -25.56 24.84
N MET A 209 16.59 -26.19 23.66
CA MET A 209 17.42 -27.37 23.47
C MET A 209 18.91 -27.04 23.56
N CYS A 210 19.30 -25.82 23.19
CA CYS A 210 20.71 -25.44 23.18
C CYS A 210 21.15 -24.67 24.44
N VAL A 211 20.26 -24.49 25.41
CA VAL A 211 20.69 -23.97 26.71
C VAL A 211 21.81 -24.80 27.35
N PRO A 212 21.74 -26.14 27.39
CA PRO A 212 22.77 -26.89 28.13
C PRO A 212 24.19 -26.66 27.64
N VAL A 213 24.41 -26.54 26.33
CA VAL A 213 25.76 -26.28 25.85
C VAL A 213 26.22 -24.90 26.29
N PHE A 214 25.30 -23.93 26.34
CA PHE A 214 25.65 -22.61 26.84
C PHE A 214 26.06 -22.66 28.30
N VAL A 215 25.34 -23.42 29.13
CA VAL A 215 25.65 -23.44 30.55
C VAL A 215 26.79 -24.39 30.89
N TYR A 216 27.22 -25.24 29.95
CA TYR A 216 28.32 -26.16 30.21
C TYR A 216 29.56 -25.93 29.35
N ARG A 217 29.61 -24.86 28.56
CA ARG A 217 30.80 -24.53 27.78
C ARG A 217 31.63 -23.48 28.51
N ASP A 218 32.92 -23.77 28.67
CA ASP A 218 33.82 -22.87 29.39
C ASP A 218 35.24 -23.30 29.12
N LEU A 219 36.17 -22.38 29.36
CA LEU A 219 37.60 -22.67 29.30
C LEU A 219 38.03 -23.29 30.63
N PHE A 220 37.63 -24.55 30.81
CA PHE A 220 37.77 -25.20 32.11
C PHE A 220 39.24 -25.49 32.42
N ILE A 221 39.90 -26.26 31.55
CA ILE A 221 41.28 -26.66 31.82
C ILE A 221 42.22 -25.47 31.67
N MET A 222 42.29 -24.91 30.46
CA MET A 222 43.02 -23.67 30.18
C MET A 222 44.47 -23.74 30.64
N ASP A 223 45.23 -24.65 30.02
CA ASP A 223 46.66 -24.76 30.28
C ASP A 223 47.43 -25.04 29.01
N ILE A 227 41.65 -24.98 25.36
CA ILE A 227 40.92 -26.23 25.44
C ILE A 227 39.53 -25.98 25.99
N CYS A 228 38.54 -25.93 25.10
CA CYS A 228 37.15 -25.69 25.48
C CYS A 228 36.52 -27.03 25.87
N ARG A 229 36.91 -27.53 27.04
CA ARG A 229 36.39 -28.78 27.54
C ARG A 229 34.94 -28.61 28.00
N TYR A 230 34.08 -29.53 27.57
CA TYR A 230 32.66 -29.43 27.89
C TYR A 230 32.46 -29.84 29.35
N ASN A 231 31.91 -28.92 30.14
CA ASN A 231 31.93 -29.06 31.60
C ASN A 231 31.17 -30.29 32.05
N PHE A 232 31.78 -31.05 32.96
CA PHE A 232 31.25 -32.31 33.48
C PHE A 232 31.19 -32.28 35.00
N ASP A 233 30.64 -31.20 35.54
CA ASP A 233 30.52 -31.04 36.99
C ASP A 233 29.62 -32.10 37.60
N VAL A 378 31.28 -43.19 32.15
CA VAL A 378 30.73 -42.02 31.49
C VAL A 378 29.71 -41.32 32.40
N PRO A 379 29.87 -40.02 32.58
CA PRO A 379 28.91 -39.27 33.42
C PRO A 379 27.51 -39.30 32.81
N THR A 380 26.52 -39.30 33.70
CA THR A 380 25.13 -39.33 33.25
C THR A 380 24.65 -38.03 32.59
N PRO A 381 25.19 -36.84 32.91
CA PRO A 381 24.80 -35.67 32.09
C PRO A 381 25.15 -35.84 30.62
N LEU A 382 26.29 -36.44 30.32
CA LEU A 382 26.68 -36.67 28.92
C LEU A 382 25.68 -37.61 28.24
N MET A 383 25.31 -38.69 28.92
CA MET A 383 24.34 -39.60 28.35
C MET A 383 23.00 -38.90 28.13
N ALA A 384 22.56 -38.12 29.11
CA ALA A 384 21.27 -37.43 28.97
C ALA A 384 21.29 -36.48 27.78
N ILE A 385 22.35 -35.67 27.66
CA ILE A 385 22.37 -34.69 26.58
C ILE A 385 22.49 -35.40 25.23
N THR A 386 23.33 -36.43 25.12
CA THR A 386 23.47 -37.09 23.82
C THR A 386 22.19 -37.81 23.42
N ILE A 387 21.48 -38.41 24.37
CA ILE A 387 20.22 -39.07 24.01
C ILE A 387 19.17 -38.05 23.61
N THR A 388 19.05 -36.93 24.33
CA THR A 388 18.04 -35.96 23.95
C THR A 388 18.35 -35.33 22.60
N ARG A 389 19.63 -35.04 22.32
CA ARG A 389 20.00 -34.56 21.00
C ARG A 389 19.67 -35.58 19.93
N LEU A 390 20.09 -36.84 20.13
CA LEU A 390 19.83 -37.87 19.14
C LEU A 390 18.34 -38.00 18.85
N VAL A 391 17.53 -38.16 19.89
CA VAL A 391 16.09 -38.32 19.69
C VAL A 391 15.51 -37.10 18.98
N VAL A 392 15.57 -35.94 19.63
CA VAL A 392 14.87 -34.75 19.13
C VAL A 392 15.43 -34.24 17.81
N GLY A 393 16.63 -34.65 17.42
CA GLY A 393 17.18 -34.15 16.18
C GLY A 393 17.24 -35.16 15.04
N PHE A 394 17.05 -36.45 15.34
CA PHE A 394 17.05 -37.45 14.28
C PHE A 394 15.75 -38.24 14.22
N LEU A 395 15.25 -38.74 15.35
CA LEU A 395 14.12 -39.66 15.29
C LEU A 395 12.82 -38.92 14.96
N VAL A 396 12.44 -37.97 15.82
CA VAL A 396 11.18 -37.25 15.61
C VAL A 396 11.17 -36.45 14.31
N PRO A 397 12.17 -35.61 14.01
CA PRO A 397 12.07 -34.80 12.79
C PRO A 397 12.09 -35.62 11.51
N PHE A 398 13.01 -36.58 11.41
CA PHE A 398 13.09 -37.40 10.20
C PHE A 398 11.80 -38.21 10.00
N PHE A 399 11.27 -38.78 11.08
CA PHE A 399 10.06 -39.57 10.96
C PHE A 399 8.86 -38.71 10.57
N ILE A 400 8.74 -37.50 11.15
CA ILE A 400 7.66 -36.61 10.75
C ILE A 400 7.80 -36.22 9.28
N MET A 401 9.03 -35.90 8.85
CA MET A 401 9.22 -35.52 7.44
C MET A 401 8.86 -36.66 6.51
N VAL A 402 9.29 -37.89 6.84
CA VAL A 402 8.98 -39.04 6.00
C VAL A 402 7.49 -39.27 5.95
N ILE A 403 6.81 -39.21 7.10
CA ILE A 403 5.37 -39.45 7.14
C ILE A 403 4.63 -38.39 6.33
N CYS A 404 5.02 -37.12 6.49
CA CYS A 404 4.36 -36.04 5.77
C CYS A 404 4.52 -36.19 4.27
N TYR A 405 5.75 -36.45 3.81
CA TYR A 405 5.95 -36.58 2.37
C TYR A 405 5.30 -37.83 1.81
N SER A 406 5.29 -38.93 2.56
CA SER A 406 4.58 -40.13 2.13
C SER A 406 3.08 -39.86 2.00
N LEU A 407 2.51 -39.13 2.96
CA LEU A 407 1.09 -38.80 2.88
C LEU A 407 0.81 -37.89 1.69
N ILE A 408 1.70 -36.94 1.42
CA ILE A 408 1.50 -36.05 0.26
C ILE A 408 1.52 -36.86 -1.04
N VAL A 409 2.49 -37.78 -1.17
CA VAL A 409 2.56 -38.60 -2.37
C VAL A 409 1.33 -39.50 -2.48
N PHE A 410 0.90 -40.08 -1.37
CA PHE A 410 -0.26 -40.97 -1.39
C PHE A 410 -1.51 -40.21 -1.84
N ARG A 411 -1.71 -39.01 -1.30
CA ARG A 411 -2.85 -38.20 -1.71
C ARG A 411 -2.74 -37.79 -3.18
N MET A 412 -1.54 -37.43 -3.62
CA MET A 412 -1.35 -37.01 -5.00
C MET A 412 -1.36 -38.17 -5.99
N ARG A 413 -1.41 -39.42 -5.51
CA ARG A 413 -1.58 -40.55 -6.42
C ARG A 413 -2.89 -40.48 -7.19
N LYS A 414 -3.86 -39.69 -6.71
CA LYS A 414 -5.12 -39.52 -7.41
C LYS A 414 -4.93 -38.74 -8.71
N THR A 415 -6.02 -38.63 -9.47
CA THR A 415 -5.97 -38.02 -10.79
C THR A 415 -6.05 -36.50 -10.76
N ASN A 416 -6.13 -35.89 -9.57
CA ASN A 416 -6.11 -34.42 -9.50
C ASN A 416 -4.74 -33.88 -9.85
N PHE A 417 -3.69 -34.47 -9.29
CA PHE A 417 -2.32 -33.97 -9.45
C PHE A 417 -1.59 -34.76 -10.54
N THR A 418 -2.11 -34.68 -11.77
CA THR A 418 -1.46 -35.37 -12.88
C THR A 418 -0.14 -34.70 -13.25
N LYS A 419 -0.12 -33.37 -13.30
CA LYS A 419 1.06 -32.63 -13.73
C LYS A 419 2.05 -32.38 -12.60
N SER A 420 1.76 -32.85 -11.38
CA SER A 420 2.60 -32.58 -10.23
C SER A 420 3.14 -33.81 -9.53
N ARG A 421 2.63 -35.01 -9.84
CA ARG A 421 3.03 -36.20 -9.12
C ARG A 421 4.51 -36.50 -9.30
N ASN A 422 5.00 -36.39 -10.55
CA ASN A 422 6.40 -36.72 -10.83
C ASN A 422 7.34 -35.76 -10.11
N LYS A 423 7.10 -34.45 -10.25
CA LYS A 423 7.96 -33.47 -9.62
C LYS A 423 7.91 -33.57 -8.10
N THR A 424 6.70 -33.78 -7.55
CA THR A 424 6.59 -33.91 -6.10
C THR A 424 7.33 -35.13 -5.59
N PHE A 425 7.21 -36.26 -6.29
CA PHE A 425 7.91 -37.47 -5.88
C PHE A 425 9.42 -37.26 -5.94
N ARG A 426 9.90 -36.63 -7.01
CA ARG A 426 11.34 -36.36 -7.14
C ARG A 426 11.82 -35.48 -6.00
N VAL A 427 11.09 -34.40 -5.71
CA VAL A 427 11.51 -33.47 -4.66
C VAL A 427 11.51 -34.17 -3.30
N ALA A 428 10.46 -34.95 -3.02
CA ALA A 428 10.37 -35.63 -1.73
C ALA A 428 11.52 -36.61 -1.54
N VAL A 429 11.76 -37.46 -2.54
CA VAL A 429 12.84 -38.42 -2.43
C VAL A 429 14.18 -37.71 -2.28
N ALA A 430 14.39 -36.65 -3.06
CA ALA A 430 15.65 -35.91 -2.99
C ALA A 430 15.89 -35.34 -1.60
N VAL A 431 14.90 -34.62 -1.06
CA VAL A 431 15.11 -33.97 0.23
C VAL A 431 15.31 -35.01 1.33
N VAL A 432 14.52 -36.09 1.30
CA VAL A 432 14.64 -37.12 2.33
C VAL A 432 16.02 -37.77 2.27
N THR A 433 16.48 -38.13 1.08
CA THR A 433 17.76 -38.83 0.98
C THR A 433 18.93 -37.90 1.30
N VAL A 434 18.85 -36.63 0.93
CA VAL A 434 19.91 -35.69 1.29
C VAL A 434 19.97 -35.51 2.80
N PHE A 435 18.82 -35.34 3.44
CA PHE A 435 18.82 -35.20 4.89
C PHE A 435 19.39 -36.43 5.56
N PHE A 436 18.99 -37.63 5.10
CA PHE A 436 19.51 -38.86 5.68
C PHE A 436 21.03 -38.94 5.54
N ILE A 437 21.53 -38.75 4.31
CA ILE A 437 22.96 -38.94 4.08
C ILE A 437 23.77 -37.88 4.81
N CYS A 438 23.21 -36.68 5.00
CA CYS A 438 23.96 -35.63 5.67
C CYS A 438 23.95 -35.80 7.19
N TRP A 439 22.87 -36.32 7.75
CA TRP A 439 22.70 -36.27 9.20
C TRP A 439 22.85 -37.61 9.92
N THR A 440 22.82 -38.74 9.21
CA THR A 440 23.00 -40.02 9.89
C THR A 440 24.37 -40.18 10.52
N PRO A 441 25.50 -39.91 9.83
CA PRO A 441 26.81 -40.13 10.47
C PRO A 441 27.02 -39.32 11.72
N TYR A 442 26.44 -38.11 11.81
CA TYR A 442 26.60 -37.29 13.00
C TYR A 442 26.13 -38.03 14.26
N HIS A 443 24.85 -38.39 14.29
CA HIS A 443 24.32 -39.09 15.46
C HIS A 443 24.91 -40.49 15.59
N LEU A 444 25.26 -41.12 14.46
CA LEU A 444 25.86 -42.45 14.53
C LEU A 444 27.18 -42.42 15.28
N VAL A 445 28.04 -41.45 15.00
CA VAL A 445 29.29 -41.38 15.73
C VAL A 445 29.07 -40.79 17.11
N GLY A 446 28.05 -39.95 17.28
CA GLY A 446 27.76 -39.42 18.61
C GLY A 446 27.39 -40.52 19.59
N VAL A 447 26.69 -41.55 19.12
CA VAL A 447 26.37 -42.69 19.97
C VAL A 447 27.44 -43.78 19.92
N LEU A 448 28.26 -43.82 18.86
CA LEU A 448 29.28 -44.85 18.75
C LEU A 448 30.46 -44.60 19.68
N LEU A 449 30.90 -43.35 19.80
CA LEU A 449 32.03 -43.05 20.69
C LEU A 449 31.67 -43.14 22.16
N LEU A 450 30.37 -43.16 22.49
CA LEU A 450 29.95 -43.23 23.88
C LEU A 450 30.10 -44.63 24.45
N ILE A 451 29.92 -45.67 23.64
CA ILE A 451 29.89 -47.05 24.12
C ILE A 451 31.31 -47.59 24.24
N THR A 452 31.51 -48.47 25.21
CA THR A 452 32.74 -49.24 25.43
C THR A 452 33.94 -48.35 25.76
N ASP A 453 35.03 -48.98 26.20
CA ASP A 453 36.27 -48.26 26.46
C ASP A 453 36.87 -47.78 25.14
N PRO A 454 37.15 -46.47 25.00
CA PRO A 454 37.75 -45.98 23.75
C PRO A 454 39.16 -46.50 23.50
N GLU A 455 39.73 -47.30 24.40
CA GLU A 455 41.04 -47.89 24.17
C GLU A 455 41.02 -48.87 22.99
N SER A 456 39.86 -49.43 22.68
CA SER A 456 39.74 -50.39 21.59
C SER A 456 39.90 -49.68 20.24
N SER A 457 40.08 -50.49 19.20
CA SER A 457 40.26 -49.94 17.86
C SER A 457 39.01 -49.23 17.36
N LEU A 458 37.82 -49.67 17.79
CA LEU A 458 36.60 -49.01 17.38
C LEU A 458 36.54 -47.58 17.88
N GLY A 459 36.96 -47.34 19.11
CA GLY A 459 37.00 -45.99 19.63
C GLY A 459 37.95 -45.09 18.85
N GLU A 460 39.13 -45.61 18.53
CA GLU A 460 40.07 -44.84 17.71
C GLU A 460 39.46 -44.53 16.34
N ALA A 461 38.79 -45.51 15.74
CA ALA A 461 38.19 -45.29 14.43
C ALA A 461 37.11 -44.22 14.48
N VAL A 462 36.24 -44.28 15.50
CA VAL A 462 35.16 -43.30 15.57
C VAL A 462 35.72 -41.91 15.88
N MET A 463 36.76 -41.83 16.71
CA MET A 463 37.42 -40.53 16.91
C MET A 463 38.00 -40.00 15.62
N SER A 464 38.63 -40.87 14.83
CA SER A 464 39.20 -40.43 13.56
C SER A 464 38.14 -39.94 12.59
N TRP A 465 37.00 -40.64 12.53
CA TRP A 465 35.97 -40.26 11.56
C TRP A 465 34.99 -39.21 12.08
N ASP A 466 35.12 -38.78 13.35
CA ASP A 466 34.25 -37.74 13.86
C ASP A 466 34.40 -36.44 13.08
N HIS A 467 35.62 -36.12 12.62
CA HIS A 467 35.82 -34.89 11.86
C HIS A 467 35.04 -34.92 10.55
N MET A 468 35.17 -36.02 9.80
CA MET A 468 34.39 -36.15 8.57
C MET A 468 32.90 -36.18 8.85
N SER A 469 32.50 -36.77 9.97
CA SER A 469 31.08 -36.80 10.32
C SER A 469 30.53 -35.41 10.54
N ILE A 470 31.24 -34.58 11.32
CA ILE A 470 30.76 -33.23 11.57
C ILE A 470 30.82 -32.39 10.31
N ALA A 471 31.82 -32.62 9.45
CA ALA A 471 31.88 -31.91 8.17
C ALA A 471 30.66 -32.24 7.31
N LEU A 472 30.30 -33.52 7.24
CA LEU A 472 29.12 -33.93 6.49
C LEU A 472 27.86 -33.33 7.09
N ALA A 473 27.78 -33.30 8.42
CA ALA A 473 26.61 -32.70 9.07
C ALA A 473 26.49 -31.21 8.74
N SER A 474 27.63 -30.52 8.70
CA SER A 474 27.60 -29.09 8.37
C SER A 474 27.29 -28.85 6.89
N ALA A 475 27.65 -29.80 6.02
CA ALA A 475 27.41 -29.63 4.59
C ALA A 475 25.93 -29.48 4.25
N ASN A 476 25.04 -29.96 5.12
CA ASN A 476 23.61 -29.76 4.87
C ASN A 476 23.25 -28.28 4.82
N SER A 477 24.03 -27.44 5.49
CA SER A 477 23.76 -26.00 5.47
C SER A 477 23.88 -25.43 4.06
N CYS A 478 24.93 -25.81 3.33
CA CYS A 478 25.04 -25.35 1.94
C CYS A 478 24.12 -26.14 1.01
N PHE A 479 23.81 -27.39 1.37
CA PHE A 479 22.94 -28.19 0.50
C PHE A 479 21.49 -27.70 0.53
N ASN A 480 21.05 -27.11 1.65
CA ASN A 480 19.65 -26.75 1.81
C ASN A 480 19.14 -25.71 0.80
N PRO A 481 19.80 -24.56 0.60
CA PRO A 481 19.18 -23.52 -0.24
C PRO A 481 18.90 -23.94 -1.67
N PHE A 482 19.77 -24.75 -2.27
CA PHE A 482 19.52 -25.21 -3.63
C PHE A 482 18.29 -26.12 -3.69
N LEU A 483 18.14 -27.01 -2.70
CA LEU A 483 17.03 -27.94 -2.71
C LEU A 483 15.72 -27.30 -2.28
N TYR A 484 15.76 -26.18 -1.55
CA TYR A 484 14.54 -25.59 -0.99
C TYR A 484 14.21 -24.23 -1.60
N ALA A 485 15.15 -23.28 -1.55
CA ALA A 485 14.85 -21.93 -2.01
C ALA A 485 14.74 -21.87 -3.53
N LEU A 486 15.68 -22.50 -4.24
CA LEU A 486 15.70 -22.47 -5.70
C LEU A 486 14.86 -23.61 -6.28
N LEU A 487 13.56 -23.52 -6.03
CA LEU A 487 12.63 -24.51 -6.57
C LEU A 487 11.48 -23.87 -7.33
N GLY A 488 10.96 -22.73 -6.87
CA GLY A 488 9.85 -22.09 -7.55
C GLY A 488 10.28 -21.35 -8.79
N LYS A 489 9.39 -21.34 -9.79
CA LYS A 489 9.69 -20.66 -11.04
C LYS A 489 9.83 -19.15 -10.83
N ASP A 490 8.93 -18.56 -10.04
CA ASP A 490 9.02 -17.12 -9.77
C ASP A 490 10.30 -16.78 -9.03
N PHE A 491 10.67 -17.59 -8.04
CA PHE A 491 11.91 -17.36 -7.31
C PHE A 491 13.12 -17.55 -8.22
N ARG A 492 13.06 -18.54 -9.12
CA ARG A 492 14.15 -18.73 -10.08
C ARG A 492 14.31 -17.51 -10.98
N LYS A 493 13.19 -16.97 -11.48
CA LYS A 493 13.25 -15.79 -12.33
C LYS A 493 13.79 -14.59 -11.56
N LYS A 494 13.36 -14.43 -10.30
CA LYS A 494 13.85 -13.32 -9.50
C LYS A 494 15.36 -13.44 -9.26
N ALA A 495 15.83 -14.65 -8.96
CA ALA A 495 17.26 -14.86 -8.77
C ALA A 495 18.04 -14.58 -10.05
N ARG A 496 17.50 -15.01 -11.19
CA ARG A 496 18.17 -14.73 -12.46
C ARG A 496 18.24 -13.23 -12.74
N GLN A 497 17.15 -12.51 -12.47
CA GLN A 497 17.14 -11.07 -12.71
C GLN A 497 18.09 -10.35 -11.76
N SER A 498 18.13 -10.76 -10.50
CA SER A 498 18.98 -10.08 -9.52
C SER A 498 20.46 -10.24 -9.86
N ILE A 499 20.85 -11.42 -10.32
CA ILE A 499 22.24 -11.68 -10.68
C ILE A 499 22.58 -10.96 -11.98
N SER B 18 8.85 18.16 19.13
CA SER B 18 8.42 16.79 19.40
C SER B 18 7.33 16.76 20.48
N ALA B 19 6.62 17.87 20.60
CA ALA B 19 5.58 17.98 21.62
C ALA B 19 4.33 17.19 21.22
N GLU B 20 3.71 17.59 20.12
CA GLU B 20 2.54 16.90 19.59
C GLU B 20 2.89 16.03 18.39
N GLU B 21 4.15 16.01 17.96
CA GLU B 21 4.56 15.07 16.92
C GLU B 21 4.50 13.64 17.42
N ARG B 22 4.68 13.42 18.72
CA ARG B 22 4.56 12.08 19.28
C ARG B 22 3.13 11.56 19.13
N ALA B 23 2.14 12.43 19.34
CA ALA B 23 0.76 12.04 19.13
C ALA B 23 0.49 11.73 17.66
N ALA B 24 1.11 12.49 16.75
CA ALA B 24 0.99 12.18 15.33
C ALA B 24 1.58 10.81 15.03
N LEU B 25 2.73 10.49 15.63
CA LEU B 25 3.35 9.18 15.41
C LEU B 25 2.48 8.06 15.94
N GLU B 26 1.90 8.23 17.14
CA GLU B 26 1.06 7.16 17.68
C GLU B 26 -0.21 6.99 16.86
N ARG B 27 -0.78 8.09 16.37
CA ARG B 27 -1.94 8.00 15.49
C ARG B 27 -1.60 7.26 14.20
N SER B 28 -0.44 7.59 13.62
CA SER B 28 -0.02 6.92 12.38
C SER B 28 0.19 5.44 12.61
N LYS B 29 0.83 5.07 13.73
CA LYS B 29 1.05 3.66 14.02
C LYS B 29 -0.27 2.94 14.26
N ALA B 30 -1.22 3.59 14.95
CA ALA B 30 -2.51 2.96 15.22
C ALA B 30 -3.26 2.71 13.91
N ILE B 31 -3.28 3.69 13.00
CA ILE B 31 -4.01 3.47 11.76
C ILE B 31 -3.27 2.50 10.86
N GLU B 32 -1.94 2.44 10.93
CA GLU B 32 -1.21 1.42 10.18
C GLU B 32 -1.54 0.02 10.68
N LYS B 33 -1.64 -0.14 12.00
CA LYS B 33 -2.06 -1.43 12.56
C LYS B 33 -3.47 -1.77 12.12
N ASN B 34 -4.35 -0.76 12.07
CA ASN B 34 -5.71 -1.00 11.58
C ASN B 34 -5.70 -1.46 10.12
N LEU B 35 -4.87 -0.83 9.29
CA LEU B 35 -4.76 -1.23 7.89
C LEU B 35 -4.27 -2.67 7.77
N LYS B 36 -3.25 -3.03 8.55
CA LYS B 36 -2.74 -4.40 8.49
C LYS B 36 -3.79 -5.41 8.94
N GLU B 37 -4.51 -5.10 10.01
CA GLU B 37 -5.55 -6.01 10.50
C GLU B 37 -6.67 -6.15 9.47
N ASP B 38 -7.08 -5.04 8.84
CA ASP B 38 -8.11 -5.11 7.81
C ASP B 38 -7.65 -5.93 6.61
N GLY B 39 -6.39 -5.75 6.20
CA GLY B 39 -5.87 -6.54 5.09
C GLY B 39 -5.84 -8.03 5.41
N ILE B 40 -5.40 -8.39 6.61
CA ILE B 40 -5.38 -9.79 7.01
C ILE B 40 -6.80 -10.35 7.04
N SER B 41 -7.76 -9.58 7.56
CA SER B 41 -9.14 -10.05 7.62
C SER B 41 -9.71 -10.23 6.21
N ALA B 42 -9.40 -9.32 5.30
CA ALA B 42 -9.98 -9.39 3.96
C ALA B 42 -9.26 -10.36 3.04
N ALA B 43 -8.05 -10.80 3.40
CA ALA B 43 -7.35 -11.78 2.57
C ALA B 43 -7.98 -13.16 2.65
N LYS B 44 -8.90 -13.39 3.58
CA LYS B 44 -9.53 -14.71 3.71
C LYS B 44 -10.51 -14.98 2.57
N ASP B 45 -11.19 -13.94 2.09
CA ASP B 45 -12.23 -14.13 1.09
C ASP B 45 -11.64 -14.54 -0.26
N VAL B 46 -12.37 -15.38 -0.98
CA VAL B 46 -11.99 -15.82 -2.32
C VAL B 46 -12.80 -15.01 -3.33
N LYS B 47 -12.16 -14.66 -4.44
CA LYS B 47 -12.74 -13.76 -5.43
C LYS B 47 -13.01 -14.53 -6.72
N LEU B 48 -14.20 -14.33 -7.28
CA LEU B 48 -14.59 -14.94 -8.55
C LEU B 48 -15.08 -13.84 -9.49
N LEU B 49 -14.86 -14.05 -10.78
CA LEU B 49 -15.23 -13.08 -11.80
C LEU B 49 -16.23 -13.73 -12.76
N LEU B 50 -17.39 -13.11 -12.91
CA LEU B 50 -18.41 -13.58 -13.83
C LEU B 50 -18.19 -12.98 -15.22
N LEU B 51 -18.48 -13.78 -16.24
CA LEU B 51 -18.36 -13.35 -17.62
C LEU B 51 -19.30 -14.18 -18.48
N GLY B 52 -19.56 -13.68 -19.68
CA GLY B 52 -20.40 -14.40 -20.62
C GLY B 52 -21.03 -13.43 -21.61
N ALA B 53 -21.84 -14.00 -22.50
CA ALA B 53 -22.56 -13.22 -23.48
C ALA B 53 -23.79 -12.57 -22.86
N ASP B 54 -24.46 -11.73 -23.65
CA ASP B 54 -25.67 -11.07 -23.18
C ASP B 54 -26.79 -12.08 -22.98
N ASN B 55 -27.43 -12.03 -21.82
CA ASN B 55 -28.51 -12.94 -21.46
C ASN B 55 -28.07 -14.40 -21.58
N SER B 56 -26.83 -14.68 -21.19
CA SER B 56 -26.28 -16.03 -21.27
C SER B 56 -26.62 -16.89 -20.05
N GLY B 57 -27.13 -16.30 -18.99
CA GLY B 57 -27.49 -17.06 -17.80
C GLY B 57 -26.73 -16.67 -16.55
N LYS B 58 -25.98 -15.57 -16.62
CA LYS B 58 -25.28 -15.08 -15.44
C LYS B 58 -26.26 -14.67 -14.35
N SER B 59 -27.35 -14.02 -14.73
CA SER B 59 -28.35 -13.60 -13.76
C SER B 59 -28.98 -14.81 -13.06
N THR B 60 -29.24 -15.88 -13.83
CA THR B 60 -29.85 -17.06 -13.25
C THR B 60 -28.99 -17.67 -12.14
N ILE B 61 -27.68 -17.79 -12.40
CA ILE B 61 -26.81 -18.40 -11.39
C ILE B 61 -26.51 -17.44 -10.24
N VAL B 62 -26.46 -16.13 -10.48
CA VAL B 62 -26.22 -15.23 -9.36
C VAL B 62 -27.45 -15.09 -8.48
N LYS B 63 -28.65 -15.27 -9.04
CA LYS B 63 -29.87 -15.24 -8.25
C LYS B 63 -30.18 -16.58 -7.60
N GLN B 64 -29.73 -17.69 -8.18
CA GLN B 64 -29.94 -18.99 -7.59
C GLN B 64 -29.16 -19.19 -6.30
N MET B 65 -28.14 -18.37 -6.07
CA MET B 65 -27.33 -18.44 -4.85
C MET B 65 -27.69 -17.36 -3.85
N LYS B 66 -28.75 -16.60 -4.10
CA LYS B 66 -29.26 -15.56 -3.20
C LYS B 66 -28.25 -14.43 -3.00
N ILE B 67 -28.62 -13.44 -2.20
CA ILE B 67 -27.78 -12.28 -1.91
C ILE B 67 -27.34 -11.59 -3.20
N THR B 79 -25.96 0.37 -12.64
CA THR B 79 -25.50 0.21 -14.01
C THR B 79 -24.05 -0.31 -14.02
N GLY B 80 -23.31 0.07 -13.00
CA GLY B 80 -21.90 -0.29 -12.89
C GLY B 80 -21.68 -1.72 -12.46
N ILE B 81 -20.57 -1.95 -11.77
CA ILE B 81 -20.21 -3.29 -11.33
C ILE B 81 -21.19 -3.76 -10.25
N VAL B 82 -21.50 -5.05 -10.28
CA VAL B 82 -22.43 -5.66 -9.33
C VAL B 82 -21.65 -6.69 -8.51
N GLU B 83 -21.70 -6.55 -7.19
CA GLU B 83 -20.98 -7.42 -6.27
C GLU B 83 -21.97 -8.31 -5.53
N THR B 84 -21.70 -9.62 -5.51
CA THR B 84 -22.49 -10.58 -4.76
C THR B 84 -21.55 -11.41 -3.90
N HIS B 85 -21.86 -11.51 -2.61
CA HIS B 85 -21.04 -12.24 -1.67
C HIS B 85 -21.91 -13.24 -0.92
N PHE B 86 -21.45 -14.50 -0.86
CA PHE B 86 -22.15 -15.54 -0.12
C PHE B 86 -21.11 -16.48 0.48
N THR B 87 -21.51 -17.16 1.55
CA THR B 87 -20.65 -18.11 2.25
C THR B 87 -21.22 -19.51 2.10
N PHE B 88 -20.37 -20.46 1.74
CA PHE B 88 -20.82 -21.82 1.43
C PHE B 88 -19.75 -22.79 1.90
N LYS B 89 -20.04 -23.53 2.97
CA LYS B 89 -19.11 -24.50 3.56
C LYS B 89 -17.78 -23.84 3.92
N ASN B 90 -17.86 -22.82 4.77
CA ASN B 90 -16.71 -22.14 5.35
C ASN B 90 -15.82 -21.46 4.31
N LEU B 91 -16.38 -21.09 3.17
CA LEU B 91 -15.66 -20.33 2.16
C LEU B 91 -16.46 -19.08 1.82
N HIS B 92 -15.78 -17.93 1.82
CA HIS B 92 -16.42 -16.64 1.56
C HIS B 92 -16.21 -16.29 0.09
N PHE B 93 -17.20 -16.59 -0.73
CA PHE B 93 -17.15 -16.30 -2.16
C PHE B 93 -17.56 -14.85 -2.42
N ARG B 94 -16.93 -14.23 -3.40
CA ARG B 94 -17.23 -12.85 -3.78
C ARG B 94 -17.30 -12.79 -5.30
N LEU B 95 -18.51 -12.79 -5.86
CA LEU B 95 -18.71 -12.74 -7.29
C LEU B 95 -18.82 -11.29 -7.75
N PHE B 96 -18.08 -10.93 -8.79
CA PHE B 96 -18.05 -9.58 -9.33
C PHE B 96 -18.63 -9.61 -10.75
N ASP B 97 -19.95 -9.48 -10.85
CA ASP B 97 -20.59 -9.38 -12.15
C ASP B 97 -20.28 -8.01 -12.76
N VAL B 98 -19.75 -8.01 -13.97
CA VAL B 98 -19.30 -6.77 -14.61
C VAL B 98 -19.93 -6.69 -15.99
N GLY B 99 -21.06 -7.38 -16.17
CA GLY B 99 -21.77 -7.32 -17.44
C GLY B 99 -22.44 -5.98 -17.72
N GLY B 100 -22.59 -5.13 -16.71
CA GLY B 100 -23.20 -3.83 -16.91
C GLY B 100 -22.29 -2.76 -17.45
N GLN B 101 -20.98 -3.02 -17.53
CA GLN B 101 -20.03 -2.05 -18.07
C GLN B 101 -20.04 -2.16 -19.59
N ARG B 102 -20.80 -1.29 -20.24
CA ARG B 102 -20.90 -1.27 -21.70
C ARG B 102 -19.80 -0.42 -22.32
N SER B 103 -18.55 -0.73 -21.98
CA SER B 103 -17.41 0.01 -22.50
C SER B 103 -16.31 -0.95 -22.94
N GLU B 104 -15.14 -0.43 -23.28
CA GLU B 104 -14.03 -1.27 -23.72
C GLU B 104 -13.53 -2.13 -22.56
N ARG B 105 -13.46 -3.44 -22.80
CA ARG B 105 -13.03 -4.36 -21.74
C ARG B 105 -11.55 -4.19 -21.44
N LYS B 106 -10.75 -3.85 -22.46
CA LYS B 106 -9.30 -3.84 -22.30
C LYS B 106 -8.84 -2.80 -21.27
N LYS B 107 -9.62 -1.74 -21.08
CA LYS B 107 -9.19 -0.65 -20.21
C LYS B 107 -9.52 -0.84 -18.75
N TRP B 108 -10.27 -1.89 -18.39
CA TRP B 108 -10.56 -2.17 -16.99
C TRP B 108 -10.44 -3.64 -16.61
N ILE B 109 -10.07 -4.51 -17.55
CA ILE B 109 -10.01 -5.94 -17.24
C ILE B 109 -8.83 -6.26 -16.32
N HIS B 110 -7.77 -5.44 -16.33
CA HIS B 110 -6.61 -5.73 -15.50
C HIS B 110 -6.89 -5.51 -14.01
N CYS B 111 -8.01 -4.90 -13.65
CA CYS B 111 -8.35 -4.72 -12.26
C CYS B 111 -8.59 -6.06 -11.56
N PHE B 112 -9.02 -7.07 -12.31
CA PHE B 112 -9.29 -8.39 -11.77
C PHE B 112 -8.14 -9.37 -12.03
N GLU B 113 -6.91 -8.89 -12.02
CA GLU B 113 -5.76 -9.75 -12.27
C GLU B 113 -5.50 -10.73 -11.13
N ASP B 114 -6.09 -10.51 -9.95
CA ASP B 114 -5.83 -11.33 -8.78
C ASP B 114 -7.00 -12.23 -8.41
N VAL B 115 -7.99 -12.38 -9.29
CA VAL B 115 -9.12 -13.26 -9.00
C VAL B 115 -8.66 -14.71 -8.98
N THR B 116 -9.33 -15.53 -8.17
CA THR B 116 -8.97 -16.94 -8.07
C THR B 116 -9.38 -17.70 -9.32
N ALA B 117 -10.58 -17.44 -9.84
CA ALA B 117 -11.06 -18.14 -11.03
C ALA B 117 -12.04 -17.25 -11.76
N ILE B 118 -12.22 -17.54 -13.05
CA ILE B 118 -13.13 -16.81 -13.91
C ILE B 118 -14.31 -17.72 -14.22
N ILE B 119 -15.50 -17.36 -13.75
CA ILE B 119 -16.70 -18.14 -14.02
C ILE B 119 -17.26 -17.70 -15.37
N PHE B 120 -17.22 -18.58 -16.36
CA PHE B 120 -17.67 -18.28 -17.72
C PHE B 120 -18.98 -18.99 -17.99
N CYS B 121 -19.95 -18.26 -18.54
CA CYS B 121 -21.26 -18.79 -18.84
C CYS B 121 -21.53 -18.71 -20.34
N VAL B 122 -22.06 -19.79 -20.90
CA VAL B 122 -22.39 -19.88 -22.32
C VAL B 122 -23.83 -20.38 -22.44
N ASP B 123 -24.62 -19.68 -23.25
CA ASP B 123 -26.00 -20.09 -23.52
C ASP B 123 -26.01 -21.05 -24.69
N LEU B 124 -26.49 -22.27 -24.46
CA LEU B 124 -26.54 -23.27 -25.52
C LEU B 124 -27.72 -23.08 -26.46
N SER B 125 -28.67 -22.20 -26.12
CA SER B 125 -29.84 -21.98 -26.96
C SER B 125 -29.54 -21.11 -28.17
N ASP B 126 -28.41 -20.40 -28.19
CA ASP B 126 -28.06 -19.54 -29.31
C ASP B 126 -27.61 -20.36 -30.52
N HIS B 141 -21.76 -19.07 -30.96
CA HIS B 141 -20.91 -18.58 -32.04
C HIS B 141 -20.23 -17.28 -31.63
N GLU B 142 -21.01 -16.36 -31.06
CA GLU B 142 -20.46 -15.09 -30.61
C GLU B 142 -19.64 -15.24 -29.34
N SER B 143 -19.92 -16.27 -28.54
CA SER B 143 -19.20 -16.48 -27.28
C SER B 143 -17.82 -17.09 -27.49
N LEU B 144 -17.57 -17.73 -28.63
CA LEU B 144 -16.27 -18.34 -28.86
C LEU B 144 -15.18 -17.29 -28.94
N MET B 145 -15.45 -16.17 -29.62
CA MET B 145 -14.47 -15.09 -29.69
C MET B 145 -14.18 -14.51 -28.32
N LEU B 146 -15.22 -14.33 -27.50
CA LEU B 146 -15.02 -13.83 -26.15
C LEU B 146 -14.18 -14.80 -25.32
N PHE B 147 -14.46 -16.10 -25.43
CA PHE B 147 -13.68 -17.08 -24.69
C PHE B 147 -12.22 -17.09 -25.13
N ASP B 148 -11.99 -17.00 -26.44
CA ASP B 148 -10.63 -16.97 -26.96
C ASP B 148 -9.90 -15.73 -26.44
N SER B 149 -10.57 -14.58 -26.46
CA SER B 149 -9.95 -13.35 -25.99
C SER B 149 -9.64 -13.40 -24.50
N ILE B 150 -10.53 -13.98 -23.71
CA ILE B 150 -10.34 -13.95 -22.25
C ILE B 150 -9.40 -15.06 -21.76
N CYS B 151 -9.31 -16.18 -22.46
CA CYS B 151 -8.47 -17.28 -22.01
C CYS B 151 -7.00 -17.07 -22.35
N ASN B 152 -6.69 -16.34 -23.41
CA ASN B 152 -5.33 -16.10 -23.83
C ASN B 152 -4.82 -14.72 -23.44
N ASN B 153 -5.57 -13.98 -22.63
CA ASN B 153 -5.16 -12.65 -22.22
C ASN B 153 -3.92 -12.74 -21.33
N LYS B 154 -3.07 -11.71 -21.43
CA LYS B 154 -1.80 -11.72 -20.70
C LYS B 154 -2.02 -11.72 -19.19
N PHE B 155 -3.12 -11.13 -18.72
CA PHE B 155 -3.35 -11.04 -17.28
C PHE B 155 -3.93 -12.31 -16.69
N PHE B 156 -4.43 -13.23 -17.52
CA PHE B 156 -5.10 -14.44 -17.05
C PHE B 156 -4.41 -15.69 -17.59
N ILE B 157 -3.08 -15.67 -17.65
CA ILE B 157 -2.34 -16.83 -18.11
C ILE B 157 -2.29 -17.93 -17.07
N ASP B 158 -2.45 -17.60 -15.78
CA ASP B 158 -2.36 -18.57 -14.70
C ASP B 158 -3.67 -18.73 -13.93
N THR B 159 -4.74 -18.05 -14.33
CA THR B 159 -6.02 -18.16 -13.65
C THR B 159 -6.94 -19.09 -14.45
N SER B 160 -7.56 -20.04 -13.75
CA SER B 160 -8.41 -21.01 -14.41
C SER B 160 -9.73 -20.38 -14.85
N ILE B 161 -10.48 -21.13 -15.65
CA ILE B 161 -11.79 -20.72 -16.11
C ILE B 161 -12.77 -21.84 -15.80
N ILE B 162 -13.84 -21.53 -15.07
CA ILE B 162 -14.91 -22.48 -14.80
C ILE B 162 -16.02 -22.21 -15.80
N LEU B 163 -16.32 -23.20 -16.64
CA LEU B 163 -17.27 -23.04 -17.73
C LEU B 163 -18.60 -23.66 -17.33
N PHE B 164 -19.66 -22.87 -17.38
CA PHE B 164 -21.02 -23.32 -17.14
C PHE B 164 -21.81 -23.29 -18.43
N LEU B 165 -22.42 -24.41 -18.79
CA LEU B 165 -23.30 -24.50 -19.94
C LEU B 165 -24.74 -24.58 -19.43
N ASN B 166 -25.57 -23.63 -19.83
CA ASN B 166 -26.91 -23.49 -19.32
C ASN B 166 -27.94 -23.88 -20.38
N LYS B 167 -29.17 -24.08 -19.92
CA LYS B 167 -30.31 -24.39 -20.79
C LYS B 167 -30.06 -25.67 -21.59
N LYS B 168 -29.70 -26.73 -20.88
CA LYS B 168 -29.48 -28.02 -21.54
C LYS B 168 -30.77 -28.54 -22.17
N ASP B 169 -31.89 -28.36 -21.49
CA ASP B 169 -33.18 -28.76 -22.06
C ASP B 169 -33.49 -27.98 -23.33
N LEU B 170 -33.21 -26.67 -23.32
CA LEU B 170 -33.42 -25.86 -24.51
C LEU B 170 -32.52 -26.30 -25.65
N PHE B 171 -31.27 -26.66 -25.33
CA PHE B 171 -30.36 -27.16 -26.35
C PHE B 171 -30.88 -28.47 -26.95
N GLY B 172 -31.40 -29.36 -26.10
CA GLY B 172 -31.98 -30.60 -26.62
C GLY B 172 -33.21 -30.35 -27.48
N GLU B 173 -34.05 -29.39 -27.08
CA GLU B 173 -35.21 -29.05 -27.89
C GLU B 173 -34.79 -28.50 -29.25
N LYS B 174 -33.78 -27.63 -29.27
CA LYS B 174 -33.27 -27.13 -30.55
C LYS B 174 -32.69 -28.25 -31.39
N ILE B 175 -31.97 -29.19 -30.76
CA ILE B 175 -31.40 -30.32 -31.48
C ILE B 175 -32.50 -31.14 -32.13
N LYS B 176 -33.57 -31.40 -31.38
CA LYS B 176 -34.71 -32.13 -31.95
C LYS B 176 -35.35 -31.36 -33.10
N LYS B 177 -35.48 -30.04 -32.94
CA LYS B 177 -36.09 -29.22 -33.99
C LYS B 177 -35.15 -29.07 -35.18
N SER B 178 -33.88 -28.77 -34.93
CA SER B 178 -32.92 -28.48 -35.98
C SER B 178 -31.58 -29.13 -35.66
N PRO B 179 -30.84 -29.56 -36.68
CA PRO B 179 -29.49 -30.10 -36.43
C PRO B 179 -28.55 -29.02 -35.91
N LEU B 180 -27.55 -29.46 -35.15
CA LEU B 180 -26.56 -28.55 -34.60
C LEU B 180 -25.57 -28.03 -35.64
N THR B 181 -25.78 -28.35 -36.91
CA THR B 181 -24.90 -27.88 -37.97
C THR B 181 -25.18 -26.45 -38.41
N ILE B 182 -26.33 -25.88 -38.00
CA ILE B 182 -26.63 -24.49 -38.34
C ILE B 182 -25.65 -23.55 -37.64
N CYS B 183 -25.43 -23.77 -36.34
CA CYS B 183 -24.47 -22.95 -35.61
C CYS B 183 -23.04 -23.30 -35.99
N PHE B 184 -22.76 -24.57 -36.23
CA PHE B 184 -21.43 -25.05 -36.59
C PHE B 184 -21.52 -25.76 -37.94
N PRO B 185 -21.26 -25.05 -39.04
CA PRO B 185 -21.38 -25.67 -40.37
C PRO B 185 -20.37 -26.77 -40.65
N GLU B 186 -19.32 -26.90 -39.85
CA GLU B 186 -18.29 -27.89 -40.07
C GLU B 186 -18.54 -29.19 -39.32
N TYR B 187 -19.68 -29.32 -38.64
CA TYR B 187 -20.01 -30.54 -37.91
C TYR B 187 -20.40 -31.63 -38.88
N THR B 188 -19.77 -32.80 -38.74
CA THR B 188 -20.06 -33.98 -39.56
C THR B 188 -20.23 -35.16 -38.62
N GLY B 189 -21.48 -35.47 -38.28
CA GLY B 189 -21.78 -36.58 -37.40
C GLY B 189 -23.26 -36.73 -37.12
N PRO B 190 -23.61 -37.62 -36.21
CA PRO B 190 -25.02 -37.83 -35.87
C PRO B 190 -25.61 -36.61 -35.18
N ASN B 191 -26.93 -36.64 -35.02
CA ASN B 191 -27.69 -35.54 -34.44
C ASN B 191 -28.38 -36.04 -33.18
N THR B 192 -27.76 -35.79 -32.03
CA THR B 192 -28.36 -36.09 -30.74
C THR B 192 -27.77 -35.14 -29.70
N TYR B 193 -28.21 -35.30 -28.45
CA TYR B 193 -27.79 -34.40 -27.39
C TYR B 193 -26.33 -34.64 -26.99
N GLU B 194 -25.96 -35.91 -26.80
CA GLU B 194 -24.67 -36.22 -26.20
C GLU B 194 -23.51 -35.80 -27.09
N ASP B 195 -23.55 -36.20 -28.37
CA ASP B 195 -22.44 -35.89 -29.27
C ASP B 195 -22.33 -34.39 -29.52
N ALA B 196 -23.47 -33.70 -29.65
CA ALA B 196 -23.44 -32.26 -29.84
C ALA B 196 -22.85 -31.56 -28.62
N ALA B 197 -23.24 -32.00 -27.41
CA ALA B 197 -22.67 -31.41 -26.21
C ALA B 197 -21.17 -31.66 -26.13
N ALA B 198 -20.73 -32.87 -26.47
CA ALA B 198 -19.30 -33.17 -26.46
C ALA B 198 -18.55 -32.32 -27.48
N TYR B 199 -19.15 -32.12 -28.65
CA TYR B 199 -18.52 -31.28 -29.68
C TYR B 199 -18.38 -29.84 -29.21
N ILE B 200 -19.43 -29.30 -28.60
CA ILE B 200 -19.37 -27.93 -28.10
C ILE B 200 -18.32 -27.82 -27.00
N GLN B 201 -18.27 -28.82 -26.12
CA GLN B 201 -17.25 -28.84 -25.07
C GLN B 201 -15.84 -28.85 -25.68
N ALA B 202 -15.64 -29.67 -26.71
CA ALA B 202 -14.31 -29.75 -27.33
C ALA B 202 -13.92 -28.43 -27.97
N GLN B 203 -14.85 -27.78 -28.67
CA GLN B 203 -14.54 -26.48 -29.26
C GLN B 203 -14.24 -25.43 -28.19
N PHE B 204 -15.00 -25.42 -27.09
CA PHE B 204 -14.74 -24.45 -26.04
C PHE B 204 -13.44 -24.72 -25.31
N GLU B 205 -13.01 -25.99 -25.24
CA GLU B 205 -11.78 -26.31 -24.53
C GLU B 205 -10.54 -26.21 -25.41
N SER B 206 -10.69 -26.31 -26.73
CA SER B 206 -9.53 -26.26 -27.62
C SER B 206 -8.88 -24.88 -27.69
N LYS B 207 -9.53 -23.85 -27.17
CA LYS B 207 -8.97 -22.50 -27.21
C LYS B 207 -7.85 -22.28 -26.19
N ASN B 208 -7.64 -23.22 -25.29
CA ASN B 208 -6.55 -23.09 -24.31
C ASN B 208 -5.19 -23.26 -24.99
N ARG B 209 -4.22 -22.48 -24.53
CA ARG B 209 -2.85 -22.59 -25.02
C ARG B 209 -1.79 -22.68 -23.92
N SER B 210 -2.11 -22.32 -22.68
CA SER B 210 -1.16 -22.37 -21.59
C SER B 210 -1.26 -23.69 -20.85
N PRO B 211 -0.15 -24.41 -20.66
CA PRO B 211 -0.22 -25.70 -19.94
C PRO B 211 -0.35 -25.56 -18.44
N ASN B 212 -0.34 -24.33 -17.90
CA ASN B 212 -0.40 -24.10 -16.47
C ASN B 212 -1.79 -23.71 -15.99
N LYS B 213 -2.81 -23.90 -16.82
CA LYS B 213 -4.17 -23.54 -16.45
C LYS B 213 -5.11 -24.70 -16.80
N GLU B 214 -6.22 -24.78 -16.06
CA GLU B 214 -7.19 -25.84 -16.23
C GLU B 214 -8.57 -25.23 -16.46
N ILE B 215 -9.41 -25.97 -17.19
CA ILE B 215 -10.77 -25.57 -17.49
C ILE B 215 -11.70 -26.63 -16.92
N TYR B 216 -12.53 -26.23 -15.95
CA TYR B 216 -13.55 -27.10 -15.39
C TYR B 216 -14.89 -26.78 -16.03
N CYS B 217 -15.60 -27.81 -16.46
CA CYS B 217 -16.83 -27.64 -17.22
C CYS B 217 -17.96 -28.40 -16.54
N HIS B 218 -19.18 -27.89 -16.68
CA HIS B 218 -20.35 -28.51 -16.10
C HIS B 218 -21.57 -28.13 -16.93
N MET B 219 -22.51 -29.05 -17.02
CA MET B 219 -23.76 -28.84 -17.74
C MET B 219 -24.88 -28.56 -16.74
N THR B 220 -25.59 -27.46 -16.94
CA THR B 220 -26.66 -27.03 -16.05
C THR B 220 -28.01 -27.16 -16.76
N CYS B 221 -29.00 -27.66 -16.04
CA CYS B 221 -30.36 -27.81 -16.57
C CYS B 221 -31.28 -26.70 -16.10
N ALA B 222 -30.73 -25.63 -15.52
CA ALA B 222 -31.46 -24.47 -15.03
C ALA B 222 -32.45 -24.80 -13.92
N THR B 223 -32.42 -26.02 -13.39
CA THR B 223 -33.31 -26.42 -12.30
C THR B 223 -32.58 -27.27 -11.27
N ASP B 224 -31.28 -27.04 -11.09
CA ASP B 224 -30.46 -27.84 -10.18
C ASP B 224 -29.73 -26.93 -9.21
N THR B 225 -29.45 -27.47 -8.03
CA THR B 225 -28.73 -26.77 -6.99
C THR B 225 -27.27 -27.22 -6.87
N ASN B 226 -26.76 -27.90 -7.90
CA ASN B 226 -25.38 -28.39 -7.87
C ASN B 226 -24.35 -27.33 -8.22
N ASN B 227 -24.77 -26.12 -8.59
CA ASN B 227 -23.82 -25.09 -8.99
C ASN B 227 -22.86 -24.76 -7.86
N ALA B 228 -23.39 -24.62 -6.63
CA ALA B 228 -22.53 -24.31 -5.49
C ALA B 228 -21.53 -25.42 -5.24
N GLN B 229 -21.97 -26.68 -5.35
CA GLN B 229 -21.05 -27.80 -5.12
C GLN B 229 -19.94 -27.83 -6.17
N VAL B 230 -20.29 -27.60 -7.44
CA VAL B 230 -19.29 -27.60 -8.49
C VAL B 230 -18.29 -26.47 -8.28
N ILE B 231 -18.78 -25.28 -7.94
CA ILE B 231 -17.88 -24.16 -7.69
C ILE B 231 -16.97 -24.45 -6.50
N PHE B 232 -17.53 -25.02 -5.43
CA PHE B 232 -16.72 -25.33 -4.25
C PHE B 232 -15.63 -26.35 -4.58
N ASP B 233 -16.00 -27.41 -5.30
CA ASP B 233 -15.03 -28.46 -5.65
C ASP B 233 -13.97 -27.97 -6.63
N ALA B 234 -14.31 -27.03 -7.50
CA ALA B 234 -13.30 -26.45 -8.37
C ALA B 234 -12.38 -25.50 -7.61
N VAL B 235 -12.96 -24.68 -6.73
CA VAL B 235 -12.17 -23.67 -6.02
C VAL B 235 -11.21 -24.31 -5.03
N THR B 236 -11.63 -25.40 -4.38
CA THR B 236 -10.71 -26.07 -3.45
C THR B 236 -9.50 -26.63 -4.19
N ASP B 237 -9.73 -27.26 -5.35
CA ASP B 237 -8.61 -27.77 -6.14
C ASP B 237 -7.72 -26.64 -6.64
N ILE B 238 -8.33 -25.51 -7.03
CA ILE B 238 -7.54 -24.38 -7.51
C ILE B 238 -6.69 -23.81 -6.39
N ILE B 239 -7.25 -23.74 -5.17
CA ILE B 239 -6.48 -23.27 -4.03
C ILE B 239 -5.31 -24.20 -3.75
N ILE B 240 -5.55 -25.51 -3.79
CA ILE B 240 -4.47 -26.46 -3.56
C ILE B 240 -3.36 -26.28 -4.60
N ALA B 241 -3.75 -26.17 -5.87
CA ALA B 241 -2.77 -26.01 -6.94
C ALA B 241 -2.00 -24.70 -6.79
N ASN B 242 -2.69 -23.61 -6.46
CA ASN B 242 -2.03 -22.32 -6.31
C ASN B 242 -1.03 -22.35 -5.17
N ASN B 243 -1.42 -22.93 -4.03
CA ASN B 243 -0.49 -22.99 -2.90
C ASN B 243 0.69 -23.90 -3.21
N LEU B 244 0.47 -25.02 -3.89
CA LEU B 244 1.57 -25.91 -4.24
C LEU B 244 2.54 -25.22 -5.20
N ARG B 245 2.01 -24.48 -6.18
CA ARG B 245 2.87 -23.76 -7.10
C ARG B 245 3.63 -22.64 -6.40
N GLY B 246 2.99 -21.99 -5.41
CA GLY B 246 3.69 -20.99 -4.63
C GLY B 246 4.83 -21.59 -3.82
N CYS B 247 4.60 -22.76 -3.22
CA CYS B 247 5.67 -23.45 -2.51
C CYS B 247 6.74 -24.00 -3.45
N GLY B 248 6.45 -24.07 -4.74
CA GLY B 248 7.38 -24.62 -5.71
C GLY B 248 7.32 -26.12 -5.85
N LEU B 249 6.52 -26.81 -5.04
CA LEU B 249 6.41 -28.26 -5.12
C LEU B 249 5.69 -28.72 -6.37
N TYR B 250 4.81 -27.87 -6.93
CA TYR B 250 4.04 -28.22 -8.12
C TYR B 250 4.96 -28.37 -9.33
N GLU C 13 -29.00 12.84 -49.15
CA GLU C 13 -28.55 14.02 -48.42
C GLU C 13 -27.34 13.69 -47.53
N LEU C 14 -27.24 12.43 -47.13
CA LEU C 14 -26.11 11.99 -46.31
C LEU C 14 -24.79 12.13 -47.07
N ASP C 15 -24.81 11.81 -48.36
CA ASP C 15 -23.61 11.95 -49.18
C ASP C 15 -23.18 13.41 -49.26
N GLN C 16 -24.14 14.33 -49.39
CA GLN C 16 -23.81 15.75 -49.43
C GLN C 16 -23.19 16.21 -48.11
N LEU C 17 -23.73 15.76 -46.98
CA LEU C 17 -23.15 16.10 -45.69
C LEU C 17 -21.74 15.54 -45.54
N ARG C 18 -21.54 14.30 -45.99
CA ARG C 18 -20.20 13.71 -45.92
C ARG C 18 -19.22 14.48 -46.79
N GLN C 19 -19.65 14.90 -47.99
CA GLN C 19 -18.78 15.68 -48.86
C GLN C 19 -18.45 17.03 -48.23
N GLU C 20 -19.43 17.67 -47.60
CA GLU C 20 -19.17 18.94 -46.92
C GLU C 20 -18.19 18.76 -45.77
N ALA C 21 -18.35 17.68 -45.00
CA ALA C 21 -17.42 17.41 -43.91
C ALA C 21 -16.01 17.16 -44.43
N GLU C 22 -15.89 16.42 -45.54
CA GLU C 22 -14.58 16.17 -46.12
C GLU C 22 -13.94 17.47 -46.62
N GLN C 23 -14.75 18.34 -47.24
CA GLN C 23 -14.23 19.62 -47.71
C GLN C 23 -13.75 20.48 -46.54
N LEU C 24 -14.52 20.51 -45.46
CA LEU C 24 -14.12 21.28 -44.28
C LEU C 24 -12.84 20.71 -43.67
N LYS C 25 -12.73 19.38 -43.61
CA LYS C 25 -11.51 18.75 -43.10
C LYS C 25 -10.31 19.09 -43.97
N ASN C 26 -10.49 19.07 -45.30
CA ASN C 26 -9.40 19.45 -46.20
C ASN C 26 -9.01 20.91 -45.98
N GLN C 27 -9.98 21.79 -45.80
CA GLN C 27 -9.69 23.21 -45.59
C GLN C 27 -8.90 23.41 -44.30
N ILE C 28 -9.33 22.77 -43.22
CA ILE C 28 -8.64 22.95 -41.95
C ILE C 28 -7.25 22.33 -41.99
N ARG C 29 -7.09 21.19 -42.68
CA ARG C 29 -5.77 20.59 -42.83
C ARG C 29 -4.84 21.50 -43.62
N ASP C 30 -5.35 22.10 -44.71
CA ASP C 30 -4.53 23.02 -45.49
C ASP C 30 -4.14 24.24 -44.67
N ALA C 31 -5.08 24.78 -43.89
CA ALA C 31 -4.77 25.93 -43.05
C ALA C 31 -3.72 25.59 -42.01
N ARG C 32 -3.84 24.42 -41.38
CA ARG C 32 -2.86 24.01 -40.38
C ARG C 32 -1.49 23.79 -41.01
N LYS C 33 -1.44 23.19 -42.20
CA LYS C 33 -0.17 22.95 -42.85
C LYS C 33 0.46 24.21 -43.44
N ALA C 34 -0.35 25.26 -43.66
CA ALA C 34 0.20 26.49 -44.21
C ALA C 34 0.98 27.29 -43.17
N CYS C 35 0.70 27.11 -41.89
CA CYS C 35 1.31 27.89 -40.83
C CYS C 35 2.58 27.27 -40.26
N ALA C 36 3.02 26.13 -40.81
CA ALA C 36 4.21 25.44 -40.29
C ALA C 36 5.45 26.08 -40.91
N ASP C 37 5.82 27.25 -40.38
CA ASP C 37 7.02 27.93 -40.86
C ASP C 37 8.27 27.13 -40.56
N ALA C 38 8.36 26.57 -39.35
CA ALA C 38 9.50 25.75 -38.97
C ALA C 38 9.08 24.83 -37.83
N THR C 39 9.88 23.79 -37.61
CA THR C 39 9.63 22.85 -36.54
C THR C 39 10.26 23.35 -35.25
N LEU C 40 9.73 22.84 -34.13
CA LEU C 40 10.25 23.23 -32.82
C LEU C 40 11.72 22.84 -32.67
N SER C 41 12.14 21.74 -33.31
CA SER C 41 13.52 21.29 -33.19
C SER C 41 14.49 22.30 -33.79
N GLN C 42 14.14 22.88 -34.94
CA GLN C 42 15.05 23.83 -35.59
C GLN C 42 15.17 25.14 -34.82
N ILE C 43 14.23 25.43 -33.92
CA ILE C 43 14.28 26.67 -33.16
C ILE C 43 15.08 26.51 -31.86
N THR C 44 14.84 25.41 -31.13
CA THR C 44 15.54 25.15 -29.89
C THR C 44 16.77 24.27 -30.07
N ASN C 45 17.39 24.30 -31.25
CA ASN C 45 18.59 23.52 -31.50
C ASN C 45 19.84 24.22 -30.98
N ASN C 46 19.81 25.54 -30.88
CA ASN C 46 20.98 26.32 -30.50
C ASN C 46 21.09 26.56 -29.00
N ILE C 47 20.18 26.01 -28.20
CA ILE C 47 20.22 26.17 -26.76
C ILE C 47 20.94 24.97 -26.15
N ASP C 48 21.54 25.18 -24.98
CA ASP C 48 22.27 24.13 -24.32
C ASP C 48 21.32 23.06 -23.77
N PRO C 49 21.70 21.80 -23.82
CA PRO C 49 20.84 20.74 -23.28
C PRO C 49 20.75 20.81 -21.77
N VAL C 50 19.70 20.16 -21.24
CA VAL C 50 19.50 20.15 -19.79
C VAL C 50 20.64 19.40 -19.11
N GLY C 51 21.17 18.35 -19.73
CA GLY C 51 22.25 17.58 -19.16
C GLY C 51 21.80 16.26 -18.60
N ARG C 52 22.27 15.91 -17.41
CA ARG C 52 21.90 14.67 -16.74
C ARG C 52 21.12 15.00 -15.48
N ILE C 53 19.92 14.45 -15.36
CA ILE C 53 19.05 14.67 -14.21
C ILE C 53 19.02 13.36 -13.41
N GLN C 54 19.88 13.28 -12.40
CA GLN C 54 19.98 12.10 -11.54
C GLN C 54 19.18 12.37 -10.27
N MET C 55 18.02 11.73 -10.15
CA MET C 55 17.15 11.89 -9.01
C MET C 55 17.22 10.64 -8.15
N ARG C 56 17.36 10.83 -6.83
CA ARG C 56 17.46 9.73 -5.89
C ARG C 56 16.22 9.71 -5.00
N THR C 57 15.77 8.50 -4.67
CA THR C 57 14.59 8.35 -3.83
C THR C 57 14.85 8.97 -2.46
N ARG C 58 13.89 9.75 -1.98
CA ARG C 58 14.00 10.43 -0.69
C ARG C 58 13.10 9.85 0.38
N ARG C 59 11.87 9.48 0.02
CA ARG C 59 10.93 8.88 0.97
C ARG C 59 10.26 7.69 0.30
N THR C 60 9.54 6.91 1.10
CA THR C 60 8.78 5.77 0.59
C THR C 60 7.61 5.51 1.51
N LEU C 61 6.40 5.49 0.97
CA LEU C 61 5.18 5.33 1.76
C LEU C 61 4.71 3.88 1.63
N ARG C 62 5.03 3.08 2.65
CA ARG C 62 4.68 1.66 2.66
C ARG C 62 3.43 1.46 3.51
N GLY C 63 2.29 1.82 2.94
CA GLY C 63 1.04 1.69 3.66
C GLY C 63 -0.02 0.85 2.95
N HIS C 64 0.07 0.76 1.63
CA HIS C 64 -0.93 0.07 0.84
C HIS C 64 -0.56 -1.39 0.65
N LEU C 65 -1.59 -2.22 0.47
CA LEU C 65 -1.43 -3.67 0.33
C LEU C 65 -1.84 -4.18 -1.04
N ALA C 66 -2.22 -3.30 -1.96
CA ALA C 66 -2.69 -3.72 -3.28
C ALA C 66 -2.19 -2.70 -4.31
N LYS C 67 -2.74 -2.78 -5.51
CA LYS C 67 -2.31 -1.91 -6.60
C LYS C 67 -2.77 -0.47 -6.34
N ILE C 68 -1.97 0.48 -6.83
CA ILE C 68 -2.23 1.90 -6.69
C ILE C 68 -2.44 2.49 -8.07
N TYR C 69 -3.50 3.27 -8.24
CA TYR C 69 -3.80 3.89 -9.53
C TYR C 69 -3.86 5.41 -9.50
N ALA C 70 -3.75 6.05 -8.34
CA ALA C 70 -3.92 7.50 -8.29
C ALA C 70 -3.08 8.10 -7.17
N MET C 71 -2.59 9.31 -7.41
CA MET C 71 -1.84 10.06 -6.42
C MET C 71 -1.87 11.53 -6.81
N HIS C 72 -2.49 12.37 -5.97
CA HIS C 72 -2.63 13.79 -6.24
C HIS C 72 -2.02 14.59 -5.10
N TRP C 73 -1.13 15.51 -5.45
CA TRP C 73 -0.50 16.36 -4.45
C TRP C 73 -1.48 17.40 -3.90
N GLY C 74 -1.18 17.88 -2.69
CA GLY C 74 -1.97 18.95 -2.12
C GLY C 74 -1.53 20.32 -2.61
N THR C 75 -2.37 21.31 -2.32
CA THR C 75 -2.04 22.68 -2.69
C THR C 75 -0.95 23.28 -1.81
N ASP C 76 -0.69 22.68 -0.64
CA ASP C 76 0.36 23.12 0.25
C ASP C 76 1.67 22.41 0.03
N SER C 77 1.75 21.52 -0.97
CA SER C 77 2.97 20.81 -1.35
C SER C 77 3.52 19.94 -0.23
N ARG C 78 2.68 19.53 0.70
CA ARG C 78 3.12 18.64 1.77
C ARG C 78 2.24 17.40 1.90
N LEU C 79 0.93 17.53 1.70
CA LEU C 79 0.01 16.42 1.84
C LEU C 79 -0.25 15.77 0.49
N LEU C 80 -0.29 14.44 0.48
CA LEU C 80 -0.59 13.67 -0.72
C LEU C 80 -1.64 12.63 -0.39
N VAL C 81 -2.48 12.32 -1.38
CA VAL C 81 -3.54 11.32 -1.24
C VAL C 81 -3.34 10.26 -2.30
N SER C 82 -3.42 9.00 -1.89
CA SER C 82 -3.26 7.86 -2.79
C SER C 82 -4.46 6.93 -2.66
N ALA C 83 -5.03 6.54 -3.79
CA ALA C 83 -6.15 5.62 -3.83
C ALA C 83 -5.67 4.28 -4.38
N SER C 84 -5.92 3.21 -3.63
CA SER C 84 -5.47 1.87 -3.98
C SER C 84 -6.66 0.95 -4.13
N GLN C 85 -6.38 -0.29 -4.53
CA GLN C 85 -7.41 -1.30 -4.74
C GLN C 85 -7.80 -2.03 -3.47
N ASP C 86 -7.17 -1.71 -2.35
CA ASP C 86 -7.57 -2.25 -1.06
C ASP C 86 -8.81 -1.57 -0.49
N GLY C 87 -9.46 -0.72 -1.27
CA GLY C 87 -10.60 0.04 -0.79
C GLY C 87 -10.25 1.05 0.27
N LYS C 88 -9.06 1.66 0.18
CA LYS C 88 -8.61 2.63 1.15
C LYS C 88 -7.97 3.82 0.43
N LEU C 89 -8.31 5.02 0.90
CA LEU C 89 -7.69 6.26 0.40
C LEU C 89 -7.02 6.92 1.61
N ILE C 90 -5.72 6.73 1.72
CA ILE C 90 -4.96 7.19 2.88
C ILE C 90 -4.21 8.47 2.51
N ILE C 91 -4.49 9.55 3.23
CA ILE C 91 -3.80 10.82 3.02
C ILE C 91 -2.43 10.74 3.70
N TRP C 92 -1.38 11.04 2.95
CA TRP C 92 -0.01 10.93 3.43
C TRP C 92 0.54 12.29 3.83
N ASP C 93 1.60 12.26 4.64
CA ASP C 93 2.38 13.44 4.99
C ASP C 93 3.79 13.18 4.50
N SER C 94 4.14 13.76 3.34
CA SER C 94 5.37 13.39 2.66
C SER C 94 6.61 13.77 3.45
N TYR C 95 6.55 14.84 4.24
CA TYR C 95 7.74 15.30 4.96
C TYR C 95 8.24 14.25 5.95
N THR C 96 7.33 13.62 6.70
CA THR C 96 7.71 12.67 7.72
C THR C 96 7.16 11.26 7.47
N THR C 97 6.60 11.02 6.28
CA THR C 97 5.99 9.72 5.94
C THR C 97 4.97 9.29 6.99
N ASN C 98 4.17 10.25 7.45
CA ASN C 98 3.14 10.00 8.44
C ASN C 98 1.79 9.85 7.76
N LYS C 99 1.05 8.82 8.16
CA LYS C 99 -0.32 8.64 7.71
C LYS C 99 -1.23 9.52 8.56
N VAL C 100 -1.89 10.48 7.91
CA VAL C 100 -2.74 11.43 8.63
C VAL C 100 -4.22 11.06 8.53
N HIS C 101 -4.63 10.31 7.51
CA HIS C 101 -6.02 9.91 7.36
C HIS C 101 -6.07 8.55 6.69
N ALA C 102 -7.19 7.85 6.89
CA ALA C 102 -7.41 6.55 6.27
C ALA C 102 -8.91 6.42 6.01
N ILE C 103 -9.30 6.70 4.77
CA ILE C 103 -10.72 6.77 4.39
C ILE C 103 -11.09 5.44 3.73
N PRO C 104 -11.92 4.61 4.37
CA PRO C 104 -12.43 3.42 3.67
C PRO C 104 -13.39 3.80 2.56
N LEU C 105 -13.43 2.95 1.53
CA LEU C 105 -14.25 3.19 0.36
C LEU C 105 -15.34 2.13 0.24
N ARG C 106 -16.51 2.55 -0.25
CA ARG C 106 -17.59 1.60 -0.48
C ARG C 106 -17.29 0.72 -1.69
N SER C 107 -16.77 1.30 -2.76
CA SER C 107 -16.41 0.57 -3.97
C SER C 107 -14.88 0.54 -4.06
N SER C 108 -14.29 -0.64 -3.84
CA SER C 108 -12.85 -0.78 -3.87
C SER C 108 -12.26 -0.65 -5.26
N TRP C 109 -13.10 -0.66 -6.30
CA TRP C 109 -12.63 -0.56 -7.68
C TRP C 109 -12.52 0.93 -8.05
N VAL C 110 -11.47 1.55 -7.54
CA VAL C 110 -11.23 2.98 -7.74
C VAL C 110 -10.00 3.15 -8.63
N MET C 111 -10.10 4.05 -9.60
CA MET C 111 -9.03 4.27 -10.56
C MET C 111 -8.74 5.76 -10.77
N THR C 112 -9.20 6.62 -9.86
CA THR C 112 -8.88 8.04 -9.91
C THR C 112 -9.12 8.65 -8.54
N CYS C 113 -8.47 9.79 -8.30
CA CYS C 113 -8.67 10.54 -7.07
C CYS C 113 -8.25 11.98 -7.31
N ALA C 114 -8.70 12.86 -6.42
CA ALA C 114 -8.36 14.27 -6.49
C ALA C 114 -8.36 14.85 -5.09
N TYR C 115 -7.57 15.91 -4.91
CA TYR C 115 -7.48 16.62 -3.64
C TYR C 115 -7.84 18.07 -3.88
N ALA C 116 -8.79 18.59 -3.11
CA ALA C 116 -9.32 19.92 -3.38
C ALA C 116 -8.23 20.97 -3.17
N PRO C 117 -8.22 22.03 -3.98
CA PRO C 117 -7.22 23.09 -3.77
C PRO C 117 -7.34 23.76 -2.42
N SER C 118 -8.55 23.91 -1.89
CA SER C 118 -8.71 24.46 -0.55
C SER C 118 -8.24 23.46 0.51
N GLY C 119 -8.24 22.16 0.18
CA GLY C 119 -7.85 21.13 1.11
C GLY C 119 -8.98 20.55 1.93
N ASN C 120 -10.20 21.08 1.79
CA ASN C 120 -11.32 20.63 2.60
C ASN C 120 -11.99 19.37 2.07
N TYR C 121 -11.71 18.97 0.82
CA TYR C 121 -12.43 17.87 0.21
C TYR C 121 -11.47 16.95 -0.53
N VAL C 122 -11.89 15.68 -0.67
CA VAL C 122 -11.18 14.67 -1.42
C VAL C 122 -12.20 13.88 -2.24
N ALA C 123 -11.94 13.72 -3.53
CA ALA C 123 -12.85 13.01 -4.42
C ALA C 123 -12.20 11.73 -4.94
N CYS C 124 -13.03 10.71 -5.14
CA CYS C 124 -12.57 9.43 -5.65
C CYS C 124 -13.67 8.81 -6.48
N GLY C 125 -13.28 7.93 -7.41
CA GLY C 125 -14.24 7.30 -8.29
C GLY C 125 -13.62 6.12 -8.99
N GLY C 126 -14.47 5.36 -9.67
CA GLY C 126 -14.01 4.17 -10.38
C GLY C 126 -15.10 3.45 -11.14
N LEU C 127 -15.13 2.12 -11.00
CA LEU C 127 -16.08 1.29 -11.74
C LEU C 127 -17.51 1.43 -11.23
N ASP C 128 -17.73 2.10 -10.10
CA ASP C 128 -19.06 2.25 -9.55
C ASP C 128 -19.88 3.35 -10.22
N ASN C 129 -19.28 4.09 -11.16
CA ASN C 129 -19.93 5.16 -11.91
C ASN C 129 -20.33 6.35 -11.03
N ILE C 130 -19.80 6.41 -9.81
CA ILE C 130 -20.16 7.44 -8.85
C ILE C 130 -18.91 8.16 -8.39
N CYS C 131 -18.94 9.49 -8.42
CA CYS C 131 -17.86 10.31 -7.89
C CYS C 131 -18.22 10.72 -6.47
N SER C 132 -17.48 10.21 -5.50
CA SER C 132 -17.76 10.43 -4.09
C SER C 132 -16.95 11.60 -3.57
N ILE C 133 -17.60 12.51 -2.86
CA ILE C 133 -16.96 13.69 -2.28
C ILE C 133 -16.85 13.49 -0.78
N TYR C 134 -15.64 13.58 -0.25
CA TYR C 134 -15.37 13.38 1.17
C TYR C 134 -14.97 14.69 1.82
N ASN C 135 -15.41 14.88 3.06
CA ASN C 135 -15.10 16.08 3.84
C ASN C 135 -14.06 15.72 4.89
N LEU C 136 -12.96 16.49 4.93
CA LEU C 136 -11.85 16.19 5.82
C LEU C 136 -11.82 17.05 7.08
N LYS C 137 -12.61 18.12 7.13
CA LYS C 137 -12.61 19.03 8.26
C LYS C 137 -13.95 19.02 8.99
N THR C 138 -14.52 17.82 9.18
CA THR C 138 -15.78 17.71 9.88
C THR C 138 -15.58 18.04 11.37
N ARG C 139 -16.60 18.66 11.96
CA ARG C 139 -16.54 19.00 13.38
C ARG C 139 -16.54 17.76 14.26
N GLU C 140 -17.13 16.65 13.79
CA GLU C 140 -17.14 15.43 14.57
C GLU C 140 -15.77 14.78 14.69
N GLY C 141 -14.87 15.06 13.76
CA GLY C 141 -13.53 14.52 13.82
C GLY C 141 -13.23 13.49 12.75
N ASN C 142 -14.21 12.64 12.44
CA ASN C 142 -14.05 11.61 11.44
C ASN C 142 -14.29 12.16 10.04
N VAL C 143 -14.03 11.33 9.03
CA VAL C 143 -14.20 11.68 7.64
C VAL C 143 -15.45 10.99 7.13
N ARG C 144 -16.40 11.77 6.61
CA ARG C 144 -17.65 11.24 6.10
C ARG C 144 -17.91 11.78 4.70
N VAL C 145 -18.58 10.98 3.89
CA VAL C 145 -18.92 11.37 2.52
C VAL C 145 -19.96 12.49 2.58
N SER C 146 -19.75 13.53 1.78
CA SER C 146 -20.67 14.67 1.78
C SER C 146 -21.66 14.60 0.64
N ARG C 147 -21.24 14.10 -0.52
CA ARG C 147 -22.10 14.02 -1.69
C ARG C 147 -21.67 12.85 -2.55
N GLU C 148 -22.64 12.22 -3.20
CA GLU C 148 -22.40 11.10 -4.11
C GLU C 148 -22.94 11.49 -5.48
N LEU C 149 -22.05 11.94 -6.36
CA LEU C 149 -22.42 12.40 -7.68
C LEU C 149 -22.66 11.21 -8.60
N ALA C 150 -23.87 11.11 -9.15
CA ALA C 150 -24.25 10.01 -10.01
C ALA C 150 -24.90 10.54 -11.28
N GLY C 151 -24.78 9.77 -12.35
CA GLY C 151 -25.35 10.17 -13.63
C GLY C 151 -24.53 9.75 -14.84
N HIS C 152 -23.33 9.23 -14.61
CA HIS C 152 -22.52 8.68 -15.69
C HIS C 152 -22.95 7.25 -16.00
N THR C 153 -22.83 6.87 -17.27
CA THR C 153 -23.10 5.51 -17.70
C THR C 153 -21.82 4.67 -17.71
N GLY C 154 -20.76 5.19 -18.32
CA GLY C 154 -19.46 4.53 -18.31
C GLY C 154 -18.65 4.88 -17.09
N TYR C 155 -17.64 4.06 -16.84
CA TYR C 155 -16.82 4.20 -15.63
C TYR C 155 -16.13 5.56 -15.59
N LEU C 156 -16.10 6.16 -14.40
CA LEU C 156 -15.39 7.41 -14.20
C LEU C 156 -13.89 7.15 -14.24
N SER C 157 -13.16 7.99 -14.98
CA SER C 157 -11.74 7.80 -15.15
C SER C 157 -10.88 8.92 -14.59
N CYS C 158 -11.41 10.13 -14.43
CA CYS C 158 -10.65 11.22 -13.88
C CYS C 158 -11.60 12.27 -13.33
N CYS C 159 -11.12 13.03 -12.35
CA CYS C 159 -11.91 14.10 -11.76
C CYS C 159 -10.98 15.13 -11.16
N ARG C 160 -11.25 16.40 -11.41
CA ARG C 160 -10.46 17.51 -10.88
C ARG C 160 -11.39 18.55 -10.27
N PHE C 161 -10.87 19.27 -9.28
CA PHE C 161 -11.63 20.28 -8.57
C PHE C 161 -11.36 21.66 -9.17
N LEU C 162 -12.37 22.25 -9.78
CA LEU C 162 -12.23 23.64 -10.25
C LEU C 162 -12.14 24.60 -9.07
N ASP C 163 -13.02 24.43 -8.09
CA ASP C 163 -13.01 25.22 -6.87
C ASP C 163 -13.63 24.38 -5.76
N ASP C 164 -13.97 25.02 -4.65
CA ASP C 164 -14.54 24.31 -3.51
C ASP C 164 -15.92 23.73 -3.79
N ASN C 165 -16.58 24.14 -4.87
CA ASN C 165 -17.93 23.69 -5.18
C ASN C 165 -17.99 22.85 -6.45
N GLN C 166 -17.51 23.38 -7.57
CA GLN C 166 -17.63 22.68 -8.84
C GLN C 166 -16.58 21.58 -8.96
N ILE C 167 -16.86 20.62 -9.84
CA ILE C 167 -15.96 19.51 -10.11
C ILE C 167 -16.23 19.01 -11.53
N VAL C 168 -15.16 18.74 -12.27
CA VAL C 168 -15.25 18.25 -13.64
C VAL C 168 -14.75 16.80 -13.66
N THR C 169 -15.52 15.93 -14.31
CA THR C 169 -15.22 14.50 -14.34
C THR C 169 -15.23 14.00 -15.77
N SER C 170 -14.28 13.12 -16.09
CA SER C 170 -14.18 12.49 -17.40
C SER C 170 -14.51 11.01 -17.25
N SER C 171 -15.61 10.59 -17.86
CA SER C 171 -16.09 9.23 -17.74
C SER C 171 -15.72 8.42 -18.99
N GLY C 172 -16.04 7.13 -18.96
CA GLY C 172 -15.79 6.22 -20.05
C GLY C 172 -16.91 6.11 -21.06
N ASP C 173 -17.96 6.91 -20.94
CA ASP C 173 -19.09 6.88 -21.86
C ASP C 173 -19.05 8.02 -22.87
N THR C 174 -17.84 8.41 -23.29
CA THR C 174 -17.62 9.44 -24.30
C THR C 174 -18.18 10.80 -23.87
N THR C 175 -18.24 11.06 -22.56
CA THR C 175 -18.77 12.31 -22.06
C THR C 175 -17.89 12.85 -20.94
N CYS C 176 -17.71 14.16 -20.93
CA CYS C 176 -17.13 14.90 -19.82
C CYS C 176 -18.21 15.76 -19.19
N ALA C 177 -18.18 15.88 -17.86
CA ALA C 177 -19.28 16.48 -17.12
C ALA C 177 -18.79 17.57 -16.20
N LEU C 178 -19.66 18.53 -15.94
CA LEU C 178 -19.44 19.59 -14.96
C LEU C 178 -20.53 19.50 -13.91
N TRP C 179 -20.15 19.37 -12.65
CA TRP C 179 -21.08 19.12 -11.57
C TRP C 179 -21.12 20.31 -10.62
N ASP C 180 -22.14 20.31 -9.75
CA ASP C 180 -22.22 21.21 -8.61
C ASP C 180 -22.40 20.35 -7.37
N ILE C 181 -21.37 20.31 -6.51
CA ILE C 181 -21.41 19.45 -5.33
C ILE C 181 -22.53 19.87 -4.38
N GLU C 182 -22.88 21.16 -4.38
CA GLU C 182 -23.94 21.64 -3.49
C GLU C 182 -25.28 21.02 -3.86
N THR C 183 -25.59 20.94 -5.16
CA THR C 183 -26.86 20.40 -5.62
C THR C 183 -26.74 18.98 -6.18
N GLY C 184 -25.54 18.53 -6.50
CA GLY C 184 -25.37 17.17 -7.01
C GLY C 184 -26.04 16.92 -8.34
N GLN C 185 -25.89 17.83 -9.29
CA GLN C 185 -26.54 17.71 -10.59
C GLN C 185 -25.55 18.05 -11.70
N GLN C 186 -25.83 17.50 -12.88
CA GLN C 186 -25.01 17.76 -14.06
C GLN C 186 -25.31 19.13 -14.63
N THR C 187 -24.54 20.14 -14.22
CA THR C 187 -24.77 21.49 -14.72
C THR C 187 -24.49 21.58 -16.22
N THR C 188 -23.39 21.00 -16.68
CA THR C 188 -23.03 21.05 -18.08
C THR C 188 -22.37 19.73 -18.47
N THR C 189 -22.74 19.21 -19.63
CA THR C 189 -22.15 17.99 -20.18
C THR C 189 -21.52 18.29 -21.53
N PHE C 190 -20.42 17.61 -21.83
CA PHE C 190 -19.70 17.78 -23.08
C PHE C 190 -19.73 16.48 -23.88
N THR C 191 -20.03 16.61 -25.17
CA THR C 191 -20.11 15.46 -26.07
C THR C 191 -19.32 15.75 -27.33
N GLY C 192 -18.91 14.68 -28.00
CA GLY C 192 -18.12 14.81 -29.22
C GLY C 192 -17.06 13.75 -29.37
N HIS C 193 -16.59 13.18 -28.27
CA HIS C 193 -15.66 12.06 -28.34
C HIS C 193 -16.37 10.81 -28.84
N THR C 194 -15.65 9.99 -29.58
CA THR C 194 -16.17 8.75 -30.13
C THR C 194 -15.88 7.55 -29.25
N GLY C 195 -14.74 7.55 -28.56
CA GLY C 195 -14.36 6.43 -27.70
C GLY C 195 -14.23 6.89 -26.27
N ASP C 196 -13.83 5.95 -25.40
CA ASP C 196 -13.75 6.23 -23.99
C ASP C 196 -12.77 7.36 -23.71
N VAL C 197 -13.14 8.24 -22.78
CA VAL C 197 -12.26 9.32 -22.33
C VAL C 197 -11.56 8.84 -21.08
N MET C 198 -10.22 8.83 -21.11
CA MET C 198 -9.43 8.21 -20.06
C MET C 198 -8.54 9.19 -19.31
N SER C 199 -8.59 10.49 -19.63
CA SER C 199 -7.74 11.45 -18.94
C SER C 199 -8.41 12.82 -19.00
N LEU C 200 -7.98 13.71 -18.10
CA LEU C 200 -8.52 15.06 -18.01
C LEU C 200 -7.52 15.93 -17.29
N SER C 201 -7.44 17.19 -17.71
CA SER C 201 -6.58 18.19 -17.07
C SER C 201 -7.27 19.54 -17.13
N LEU C 202 -7.16 20.32 -16.06
CA LEU C 202 -7.74 21.65 -16.01
C LEU C 202 -6.65 22.70 -16.12
N ALA C 203 -6.95 23.77 -16.86
CA ALA C 203 -6.00 24.83 -17.07
C ALA C 203 -5.70 25.57 -15.78
N PRO C 204 -4.52 26.18 -15.66
CA PRO C 204 -4.19 26.91 -14.42
C PRO C 204 -5.16 28.02 -14.10
N ASP C 205 -5.77 28.65 -15.11
CA ASP C 205 -6.75 29.71 -14.86
C ASP C 205 -8.15 29.18 -14.58
N THR C 206 -8.34 27.86 -14.61
CA THR C 206 -9.63 27.22 -14.31
C THR C 206 -10.74 27.76 -15.21
N ARG C 207 -10.43 27.99 -16.48
CA ARG C 207 -11.42 28.40 -17.46
C ARG C 207 -11.48 27.48 -18.68
N LEU C 208 -10.43 26.72 -18.95
CA LEU C 208 -10.39 25.79 -20.06
C LEU C 208 -9.90 24.44 -19.54
N PHE C 209 -10.24 23.38 -20.27
CA PHE C 209 -9.73 22.06 -19.93
C PHE C 209 -9.79 21.18 -21.18
N VAL C 210 -8.94 20.15 -21.18
CA VAL C 210 -8.80 19.24 -22.30
C VAL C 210 -9.00 17.82 -21.82
N SER C 211 -9.36 16.94 -22.77
CA SER C 211 -9.60 15.54 -22.47
C SER C 211 -8.88 14.66 -23.49
N GLY C 212 -8.22 13.62 -22.99
CA GLY C 212 -7.61 12.63 -23.85
C GLY C 212 -8.42 11.35 -23.87
N ALA C 213 -8.93 10.98 -25.03
CA ALA C 213 -9.85 9.85 -25.17
C ALA C 213 -9.14 8.67 -25.82
N CYS C 214 -9.86 7.57 -25.94
CA CYS C 214 -9.34 6.33 -26.51
C CYS C 214 -9.44 6.28 -28.03
N ASP C 215 -10.04 7.30 -28.65
CA ASP C 215 -10.14 7.36 -30.10
C ASP C 215 -8.96 8.08 -30.74
N ALA C 216 -7.84 8.19 -30.03
CA ALA C 216 -6.62 8.81 -30.55
C ALA C 216 -6.87 10.25 -31.00
N SER C 217 -7.53 11.03 -30.15
CA SER C 217 -7.82 12.42 -30.46
C SER C 217 -7.97 13.20 -29.16
N ALA C 218 -7.34 14.36 -29.10
CA ALA C 218 -7.42 15.25 -27.94
C ALA C 218 -8.24 16.48 -28.31
N LYS C 219 -9.13 16.90 -27.41
CA LYS C 219 -10.04 18.00 -27.66
C LYS C 219 -9.94 19.02 -26.55
N LEU C 220 -10.21 20.28 -26.89
CA LEU C 220 -10.23 21.38 -25.95
C LEU C 220 -11.67 21.77 -25.67
N TRP C 221 -11.98 22.06 -24.41
CA TRP C 221 -13.33 22.33 -23.97
C TRP C 221 -13.41 23.70 -23.31
N ASP C 222 -14.63 24.20 -23.16
CA ASP C 222 -14.91 25.41 -22.38
C ASP C 222 -15.81 25.04 -21.21
N VAL C 223 -15.41 25.43 -20.01
CA VAL C 223 -16.24 25.17 -18.83
C VAL C 223 -17.50 26.02 -18.86
N ARG C 224 -17.38 27.28 -19.29
CA ARG C 224 -18.51 28.19 -19.25
C ARG C 224 -19.46 27.96 -20.43
N GLU C 225 -18.96 28.11 -21.65
CA GLU C 225 -19.81 27.97 -22.82
C GLU C 225 -20.28 26.52 -23.00
N GLY C 226 -19.39 25.56 -22.75
CA GLY C 226 -19.75 24.17 -22.89
C GLY C 226 -19.65 23.60 -24.29
N MET C 227 -18.84 24.21 -25.15
CA MET C 227 -18.68 23.75 -26.52
C MET C 227 -17.20 23.61 -26.85
N CYS C 228 -16.88 22.65 -27.71
CA CYS C 228 -15.51 22.42 -28.11
C CYS C 228 -15.02 23.54 -29.02
N ARG C 229 -13.72 23.83 -28.93
CA ARG C 229 -13.07 24.81 -29.80
C ARG C 229 -12.10 24.18 -30.79
N GLN C 230 -11.22 23.31 -30.33
CA GLN C 230 -10.20 22.71 -31.19
C GLN C 230 -10.15 21.22 -30.96
N THR C 231 -9.78 20.48 -32.02
CA THR C 231 -9.61 19.05 -31.96
C THR C 231 -8.21 18.70 -32.43
N PHE C 232 -7.47 17.96 -31.63
CA PHE C 232 -6.08 17.61 -31.91
C PHE C 232 -5.98 16.11 -32.18
N THR C 233 -5.37 15.75 -33.31
CA THR C 233 -5.16 14.37 -33.69
C THR C 233 -3.71 14.17 -34.10
N GLY C 234 -3.32 12.91 -34.21
CA GLY C 234 -1.96 12.58 -34.58
C GLY C 234 -1.43 11.35 -33.88
N HIS C 235 -2.17 10.87 -32.88
CA HIS C 235 -1.80 9.66 -32.17
C HIS C 235 -2.30 8.43 -32.92
N GLU C 236 -1.60 7.32 -32.74
CA GLU C 236 -1.93 6.08 -33.43
C GLU C 236 -2.67 5.10 -32.53
N SER C 237 -2.69 5.33 -31.23
CA SER C 237 -3.40 4.46 -30.29
C SER C 237 -4.10 5.33 -29.26
N ASP C 238 -4.70 4.69 -28.26
CA ASP C 238 -5.49 5.41 -27.27
C ASP C 238 -4.62 6.35 -26.44
N ILE C 239 -5.20 7.48 -26.03
CA ILE C 239 -4.52 8.45 -25.19
C ILE C 239 -4.80 8.10 -23.74
N ASN C 240 -3.74 8.02 -22.94
CA ASN C 240 -3.86 7.59 -21.55
C ASN C 240 -3.63 8.70 -20.53
N ALA C 241 -3.00 9.81 -20.92
CA ALA C 241 -2.71 10.89 -19.98
C ALA C 241 -2.63 12.21 -20.72
N ILE C 242 -2.76 13.29 -19.96
CA ILE C 242 -2.72 14.63 -20.53
C ILE C 242 -2.38 15.61 -19.41
N CYS C 243 -1.75 16.72 -19.76
CA CYS C 243 -1.33 17.72 -18.78
C CYS C 243 -0.97 19.02 -19.50
N PHE C 244 -1.56 20.13 -19.08
CA PHE C 244 -1.21 21.42 -19.65
C PHE C 244 0.22 21.82 -19.33
N PHE C 245 0.79 22.62 -20.24
CA PHE C 245 2.03 23.32 -19.95
C PHE C 245 1.79 24.33 -18.83
N PRO C 246 2.82 24.62 -18.02
CA PRO C 246 2.63 25.59 -16.93
C PRO C 246 2.15 26.95 -17.41
N ASN C 247 2.53 27.37 -18.61
CA ASN C 247 2.03 28.62 -19.18
C ASN C 247 0.56 28.54 -19.53
N GLY C 248 -0.01 27.35 -19.65
CA GLY C 248 -1.42 27.18 -19.96
C GLY C 248 -1.77 27.26 -21.43
N ASN C 249 -0.79 27.46 -22.31
CA ASN C 249 -1.03 27.59 -23.74
C ASN C 249 -0.54 26.38 -24.54
N ALA C 250 -0.30 25.26 -23.87
CA ALA C 250 0.10 24.02 -24.54
C ALA C 250 -0.17 22.86 -23.60
N PHE C 251 -0.19 21.66 -24.17
CA PHE C 251 -0.37 20.45 -23.37
C PHE C 251 0.32 19.29 -24.06
N ALA C 252 0.62 18.26 -23.27
CA ALA C 252 1.28 17.05 -23.76
C ALA C 252 0.42 15.84 -23.44
N THR C 253 0.33 14.92 -24.41
CA THR C 253 -0.49 13.73 -24.29
C THR C 253 0.37 12.49 -24.50
N GLY C 254 0.23 11.52 -23.60
CA GLY C 254 0.94 10.25 -23.70
C GLY C 254 -0.04 9.14 -24.09
N SER C 255 0.33 8.40 -25.13
CA SER C 255 -0.52 7.36 -25.69
C SER C 255 0.06 5.98 -25.39
N ASP C 256 -0.62 4.96 -25.90
CA ASP C 256 -0.18 3.57 -25.74
C ASP C 256 0.80 3.15 -26.82
N ASP C 257 1.17 4.04 -27.73
CA ASP C 257 2.15 3.77 -28.77
C ASP C 257 3.57 4.02 -28.30
N ALA C 258 3.80 4.10 -26.99
CA ALA C 258 5.12 4.33 -26.39
C ALA C 258 5.73 5.65 -26.84
N THR C 259 4.89 6.63 -27.15
CA THR C 259 5.36 7.95 -27.60
C THR C 259 4.58 9.04 -26.88
N CYS C 260 5.25 10.17 -26.66
CA CYS C 260 4.62 11.38 -26.17
C CYS C 260 4.58 12.41 -27.28
N ARG C 261 3.61 13.32 -27.20
CA ARG C 261 3.47 14.38 -28.19
C ARG C 261 3.17 15.68 -27.48
N LEU C 262 3.57 16.78 -28.11
CA LEU C 262 3.35 18.13 -27.59
C LEU C 262 2.51 18.92 -28.57
N PHE C 263 1.41 19.49 -28.09
CA PHE C 263 0.48 20.25 -28.91
C PHE C 263 0.48 21.72 -28.50
N ASP C 264 0.45 22.60 -29.49
CA ASP C 264 0.38 24.03 -29.27
C ASP C 264 -1.03 24.52 -29.55
N LEU C 265 -1.62 25.23 -28.59
CA LEU C 265 -3.02 25.61 -28.72
C LEU C 265 -3.22 26.68 -29.78
N ARG C 266 -2.34 27.68 -29.81
CA ARG C 266 -2.47 28.74 -30.81
C ARG C 266 -2.06 28.25 -32.20
N ALA C 267 -1.00 27.44 -32.28
CA ALA C 267 -0.59 26.88 -33.55
C ALA C 267 -1.51 25.76 -34.03
N ASP C 268 -2.26 25.14 -33.12
CA ASP C 268 -3.27 24.14 -33.45
C ASP C 268 -2.69 22.95 -34.20
N GLN C 269 -1.49 22.52 -33.79
CA GLN C 269 -0.87 21.34 -34.37
C GLN C 269 0.21 20.83 -33.43
N GLU C 270 0.62 19.58 -33.66
CA GLU C 270 1.65 18.98 -32.84
C GLU C 270 2.99 19.65 -33.05
N LEU C 271 3.84 19.60 -32.02
CA LEU C 271 5.15 20.25 -32.03
C LEU C 271 6.31 19.27 -32.02
N MET C 272 6.35 18.38 -31.02
CA MET C 272 7.45 17.43 -30.89
C MET C 272 6.88 16.07 -30.54
N THR C 273 7.65 15.03 -30.87
CA THR C 273 7.29 13.65 -30.56
C THR C 273 8.43 13.04 -29.76
N TYR C 274 8.12 12.57 -28.55
CA TYR C 274 9.11 11.98 -27.65
C TYR C 274 9.05 10.47 -27.82
N SER C 275 9.84 9.95 -28.76
CA SER C 275 9.87 8.54 -29.08
C SER C 275 11.30 8.02 -29.02
N HIS C 276 11.43 6.76 -28.65
CA HIS C 276 12.73 6.10 -28.59
C HIS C 276 12.55 4.67 -29.07
N ASP C 277 13.43 4.23 -29.97
CA ASP C 277 13.28 2.89 -30.55
C ASP C 277 13.42 1.80 -29.50
N ASN C 278 14.11 2.08 -28.39
CA ASN C 278 14.27 1.09 -27.35
C ASN C 278 12.94 0.82 -26.65
N ILE C 279 12.23 1.87 -26.26
CA ILE C 279 11.02 1.72 -25.46
C ILE C 279 9.88 1.19 -26.32
N ILE C 280 9.15 0.23 -25.77
CA ILE C 280 8.01 -0.36 -26.47
C ILE C 280 6.74 -0.41 -25.62
N CYS C 281 6.83 -0.32 -24.29
CA CYS C 281 5.65 -0.38 -23.45
C CYS C 281 4.86 0.92 -23.51
N GLY C 282 3.58 0.83 -23.19
CA GLY C 282 2.72 2.00 -23.23
C GLY C 282 2.99 2.97 -22.09
N ILE C 283 2.37 4.14 -22.20
CA ILE C 283 2.53 5.23 -21.25
C ILE C 283 1.28 5.32 -20.40
N THR C 284 1.47 5.43 -19.07
CA THR C 284 0.36 5.48 -18.14
C THR C 284 0.08 6.86 -17.57
N SER C 285 1.08 7.73 -17.45
CA SER C 285 0.86 9.06 -16.89
C SER C 285 1.94 10.00 -17.38
N VAL C 286 1.60 11.29 -17.42
CA VAL C 286 2.53 12.34 -17.82
C VAL C 286 2.35 13.53 -16.88
N SER C 287 3.42 14.31 -16.74
CA SER C 287 3.40 15.51 -15.92
C SER C 287 4.64 16.34 -16.24
N PHE C 288 4.48 17.67 -16.17
CA PHE C 288 5.55 18.60 -16.45
C PHE C 288 6.31 18.94 -15.17
N SER C 289 7.19 19.94 -15.27
CA SER C 289 7.87 20.51 -14.12
C SER C 289 7.31 21.90 -13.83
N LYS C 290 7.84 22.54 -12.78
CA LYS C 290 7.36 23.87 -12.43
C LYS C 290 7.64 24.88 -13.54
N SER C 291 8.83 24.80 -14.14
CA SER C 291 9.21 25.71 -15.22
C SER C 291 8.82 25.19 -16.59
N GLY C 292 8.26 23.98 -16.68
CA GLY C 292 7.88 23.44 -17.96
C GLY C 292 9.03 22.98 -18.83
N ARG C 293 10.20 22.76 -18.24
CA ARG C 293 11.37 22.34 -19.01
C ARG C 293 11.47 20.83 -19.11
N LEU C 294 11.11 20.11 -18.06
CA LEU C 294 11.22 18.66 -18.02
C LEU C 294 9.82 18.03 -18.08
N LEU C 295 9.70 16.96 -18.86
CA LEU C 295 8.46 16.22 -18.99
C LEU C 295 8.71 14.78 -18.53
N LEU C 296 8.11 14.40 -17.42
CA LEU C 296 8.27 13.07 -16.85
C LEU C 296 7.05 12.23 -17.21
N ALA C 297 7.29 11.09 -17.86
CA ALA C 297 6.23 10.20 -18.29
C ALA C 297 6.40 8.82 -17.67
N GLY C 298 5.28 8.22 -17.27
CA GLY C 298 5.32 6.93 -16.63
C GLY C 298 5.00 5.78 -17.57
N TYR C 299 6.01 5.05 -18.00
CA TYR C 299 5.83 3.96 -18.93
C TYR C 299 5.43 2.68 -18.20
N ASP C 300 5.01 1.69 -18.97
CA ASP C 300 4.69 0.37 -18.44
C ASP C 300 5.90 -0.54 -18.35
N ASP C 301 7.08 -0.05 -18.71
CA ASP C 301 8.31 -0.81 -18.64
C ASP C 301 8.98 -0.71 -17.27
N PHE C 302 8.20 -0.41 -16.23
CA PHE C 302 8.62 -0.36 -14.82
C PHE C 302 9.55 0.80 -14.52
N ASN C 303 9.71 1.75 -15.43
CA ASN C 303 10.62 2.87 -15.23
C ASN C 303 9.95 4.16 -15.69
N CYS C 304 10.41 5.27 -15.12
CA CYS C 304 9.95 6.59 -15.49
C CYS C 304 11.09 7.34 -16.16
N ASN C 305 10.84 7.85 -17.36
CA ASN C 305 11.84 8.58 -18.13
C ASN C 305 11.63 10.08 -17.96
N VAL C 306 12.73 10.83 -18.05
CA VAL C 306 12.71 12.28 -17.99
C VAL C 306 13.00 12.81 -19.39
N TRP C 307 12.08 13.59 -19.92
CA TRP C 307 12.15 14.11 -21.28
C TRP C 307 12.39 15.61 -21.23
N ASP C 308 13.49 16.06 -21.84
CA ASP C 308 13.70 17.49 -22.02
C ASP C 308 12.69 17.98 -23.05
N ALA C 309 11.79 18.86 -22.61
CA ALA C 309 10.65 19.24 -23.45
C ALA C 309 11.10 19.93 -24.73
N LEU C 310 12.09 20.81 -24.64
CA LEU C 310 12.47 21.64 -25.77
C LEU C 310 13.44 20.97 -26.73
N LYS C 311 13.97 19.79 -26.39
CA LYS C 311 14.93 19.12 -27.26
C LYS C 311 14.66 17.64 -27.48
N ALA C 312 13.64 17.07 -26.82
CA ALA C 312 13.26 15.67 -27.01
C ALA C 312 14.44 14.73 -26.74
N ASP C 313 15.19 15.02 -25.68
CA ASP C 313 16.34 14.23 -25.29
C ASP C 313 16.14 13.70 -23.88
N ARG C 314 16.45 12.42 -23.68
CA ARG C 314 16.32 11.81 -22.37
C ARG C 314 17.37 12.38 -21.42
N ALA C 315 16.96 12.64 -20.18
CA ALA C 315 17.85 13.24 -19.19
C ALA C 315 18.10 12.38 -17.97
N GLY C 316 17.44 11.24 -17.85
CA GLY C 316 17.62 10.36 -16.70
C GLY C 316 16.45 9.43 -16.55
N VAL C 317 16.68 8.35 -15.79
CA VAL C 317 15.69 7.31 -15.56
C VAL C 317 15.44 7.21 -14.06
N LEU C 318 14.17 7.28 -13.67
CA LEU C 318 13.78 7.08 -12.27
C LEU C 318 13.36 5.63 -12.03
N ALA C 319 14.29 4.72 -12.30
CA ALA C 319 14.05 3.31 -12.05
C ALA C 319 14.07 3.02 -10.55
N GLY C 320 13.41 1.94 -10.18
CA GLY C 320 13.33 1.56 -8.77
C GLY C 320 12.01 0.94 -8.38
N HIS C 321 11.04 0.96 -9.30
CA HIS C 321 9.74 0.37 -9.05
C HIS C 321 9.72 -1.07 -9.53
N ASP C 322 9.06 -1.94 -8.76
CA ASP C 322 9.00 -3.36 -9.08
C ASP C 322 7.87 -3.71 -10.04
N ASN C 323 7.00 -2.76 -10.37
CA ASN C 323 5.91 -3.01 -11.30
C ASN C 323 5.66 -1.72 -12.09
N ARG C 324 4.62 -1.74 -12.92
CA ARG C 324 4.31 -0.59 -13.75
C ARG C 324 3.86 0.58 -12.89
N VAL C 325 4.32 1.78 -13.23
CA VAL C 325 3.92 3.00 -12.53
C VAL C 325 2.59 3.46 -13.11
N SER C 326 1.64 3.75 -12.22
CA SER C 326 0.28 4.10 -12.64
C SER C 326 -0.01 5.59 -12.56
N CYS C 327 0.76 6.36 -11.79
CA CYS C 327 0.52 7.78 -11.68
C CYS C 327 1.81 8.50 -11.35
N LEU C 328 1.88 9.77 -11.76
CA LEU C 328 3.03 10.62 -11.45
C LEU C 328 2.57 12.06 -11.42
N GLY C 329 3.16 12.85 -10.53
CA GLY C 329 2.80 14.25 -10.41
C GLY C 329 3.75 15.05 -9.56
N VAL C 330 4.16 16.21 -10.03
CA VAL C 330 5.10 17.05 -9.30
C VAL C 330 4.31 17.96 -8.35
N THR C 331 5.01 18.46 -7.33
CA THR C 331 4.38 19.36 -6.39
C THR C 331 4.19 20.75 -7.03
N ASP C 332 3.42 21.59 -6.35
CA ASP C 332 3.17 22.93 -6.86
C ASP C 332 4.47 23.76 -6.90
N ASP C 333 5.31 23.63 -5.87
CA ASP C 333 6.57 24.32 -5.83
C ASP C 333 7.69 23.57 -6.55
N GLY C 334 7.44 22.34 -7.00
CA GLY C 334 8.42 21.60 -7.77
C GLY C 334 9.54 21.00 -6.97
N MET C 335 9.44 20.95 -5.65
CA MET C 335 10.51 20.44 -4.81
C MET C 335 10.56 18.92 -4.74
N ALA C 336 9.56 18.22 -5.28
CA ALA C 336 9.53 16.77 -5.18
C ALA C 336 8.67 16.20 -6.29
N VAL C 337 8.88 14.90 -6.56
CA VAL C 337 8.13 14.16 -7.55
C VAL C 337 7.62 12.89 -6.90
N ALA C 338 6.33 12.61 -7.04
CA ALA C 338 5.71 11.42 -6.49
C ALA C 338 5.35 10.45 -7.61
N THR C 339 5.69 9.17 -7.42
CA THR C 339 5.41 8.14 -8.40
C THR C 339 4.67 7.00 -7.70
N GLY C 340 3.45 6.72 -8.15
CA GLY C 340 2.68 5.60 -7.66
C GLY C 340 2.70 4.46 -8.67
N SER C 341 2.80 3.23 -8.16
CA SER C 341 2.95 2.06 -9.01
C SER C 341 2.04 0.95 -8.51
N TRP C 342 2.09 -0.18 -9.20
CA TRP C 342 1.28 -1.34 -8.85
C TRP C 342 1.90 -2.19 -7.74
N ASP C 343 3.11 -1.88 -7.30
CA ASP C 343 3.79 -2.62 -6.26
C ASP C 343 3.47 -2.12 -4.86
N SER C 344 2.39 -1.34 -4.71
CA SER C 344 1.86 -0.83 -3.45
C SER C 344 2.74 0.23 -2.79
N PHE C 345 3.83 0.65 -3.43
CA PHE C 345 4.76 1.60 -2.83
C PHE C 345 4.74 2.89 -3.66
N LEU C 346 4.47 4.01 -2.99
CA LEU C 346 4.58 5.32 -3.60
C LEU C 346 5.85 5.98 -3.09
N LYS C 347 6.71 6.40 -4.01
CA LYS C 347 8.02 6.94 -3.69
C LYS C 347 8.09 8.42 -4.03
N ILE C 348 8.68 9.20 -3.14
CA ILE C 348 8.85 10.64 -3.32
C ILE C 348 10.27 10.86 -3.82
N TRP C 349 10.40 11.31 -5.07
CA TRP C 349 11.70 11.50 -5.68
C TRP C 349 12.10 12.97 -5.68
N ASN C 350 13.40 13.21 -5.60
CA ASN C 350 13.95 14.56 -5.65
C ASN C 350 15.44 14.52 -6.00
N ALA D 7 -32.56 9.68 -39.48
CA ALA D 7 -31.88 8.85 -38.50
C ALA D 7 -30.51 9.43 -38.16
N SER D 8 -29.53 9.16 -39.01
CA SER D 8 -28.16 9.64 -38.82
C SER D 8 -27.91 10.98 -39.49
N ILE D 9 -28.93 11.59 -40.11
CA ILE D 9 -28.75 12.90 -40.75
C ILE D 9 -28.43 13.95 -39.70
N ALA D 10 -29.04 13.85 -38.51
CA ALA D 10 -28.77 14.81 -37.45
C ALA D 10 -27.32 14.76 -37.01
N GLN D 11 -26.76 13.55 -36.90
CA GLN D 11 -25.35 13.42 -36.52
C GLN D 11 -24.44 14.03 -37.57
N ALA D 12 -24.73 13.81 -38.85
CA ALA D 12 -23.93 14.39 -39.91
C ALA D 12 -24.02 15.92 -39.89
N ARG D 13 -25.22 16.46 -39.69
CA ARG D 13 -25.37 17.91 -39.62
C ARG D 13 -24.60 18.48 -38.43
N LYS D 14 -24.68 17.82 -37.28
CA LYS D 14 -23.95 18.28 -36.11
C LYS D 14 -22.44 18.25 -36.34
N LEU D 15 -21.95 17.17 -36.97
CA LEU D 15 -20.52 17.09 -37.27
C LEU D 15 -20.09 18.20 -38.23
N VAL D 16 -20.90 18.46 -39.26
CA VAL D 16 -20.58 19.50 -40.23
C VAL D 16 -20.54 20.86 -39.54
N GLU D 17 -21.53 21.15 -38.70
CA GLU D 17 -21.56 22.43 -37.99
C GLU D 17 -20.37 22.56 -37.04
N GLN D 18 -20.05 21.49 -36.33
CA GLN D 18 -18.91 21.53 -35.41
C GLN D 18 -17.61 21.78 -36.15
N LEU D 19 -17.40 21.10 -37.29
CA LEU D 19 -16.20 21.31 -38.06
C LEU D 19 -16.14 22.73 -38.62
N LYS D 20 -17.27 23.26 -39.08
CA LYS D 20 -17.30 24.62 -39.58
C LYS D 20 -16.95 25.62 -38.47
N MET D 21 -17.46 25.40 -37.27
CA MET D 21 -17.15 26.29 -36.15
C MET D 21 -15.70 26.17 -35.74
N GLU D 22 -15.14 24.96 -35.75
CA GLU D 22 -13.78 24.74 -35.29
C GLU D 22 -12.73 25.10 -36.35
N ALA D 23 -13.13 25.26 -37.61
CA ALA D 23 -12.18 25.64 -38.64
C ALA D 23 -12.05 27.15 -38.80
N ASN D 24 -12.73 27.94 -37.97
CA ASN D 24 -12.67 29.39 -38.06
C ASN D 24 -11.79 30.02 -36.99
N ILE D 25 -10.99 29.22 -36.29
CA ILE D 25 -10.12 29.74 -35.25
C ILE D 25 -8.87 30.33 -35.88
N ASP D 26 -8.51 31.54 -35.47
CA ASP D 26 -7.32 32.19 -35.98
C ASP D 26 -6.06 31.44 -35.53
N ARG D 27 -5.10 31.31 -36.45
CA ARG D 27 -3.88 30.56 -36.19
C ARG D 27 -2.67 31.46 -36.37
N ILE D 28 -1.65 31.23 -35.54
CA ILE D 28 -0.39 31.95 -35.64
C ILE D 28 0.68 30.96 -36.11
N LYS D 29 1.76 31.51 -36.66
CA LYS D 29 2.83 30.67 -37.18
C LYS D 29 3.50 29.92 -36.04
N VAL D 30 4.00 28.72 -36.36
CA VAL D 30 4.64 27.86 -35.36
C VAL D 30 5.89 28.50 -34.77
N SER D 31 6.54 29.40 -35.52
CA SER D 31 7.73 30.06 -35.01
C SER D 31 7.41 30.87 -33.76
N LYS D 32 6.29 31.61 -33.78
CA LYS D 32 5.92 32.42 -32.64
C LYS D 32 5.62 31.56 -31.41
N ALA D 33 4.89 30.46 -31.60
CA ALA D 33 4.58 29.59 -30.47
C ALA D 33 5.84 28.94 -29.90
N ALA D 34 6.74 28.49 -30.78
CA ALA D 34 7.99 27.90 -30.31
C ALA D 34 8.83 28.91 -29.54
N ALA D 35 8.92 30.14 -30.07
CA ALA D 35 9.66 31.18 -29.37
C ALA D 35 9.03 31.50 -28.01
N ASP D 36 7.70 31.53 -27.95
CA ASP D 36 7.03 31.82 -26.69
C ASP D 36 7.31 30.72 -25.66
N LEU D 37 7.21 29.46 -26.07
CA LEU D 37 7.48 28.37 -25.14
C LEU D 37 8.94 28.39 -24.67
N MET D 38 9.86 28.63 -25.60
CA MET D 38 11.28 28.68 -25.22
C MET D 38 11.56 29.83 -24.27
N ALA D 39 10.97 31.00 -24.52
CA ALA D 39 11.16 32.14 -23.64
C ALA D 39 10.57 31.87 -22.26
N TYR D 40 9.39 31.26 -22.19
CA TYR D 40 8.80 30.95 -20.89
C TYR D 40 9.67 29.95 -20.13
N CYS D 41 10.20 28.95 -20.82
CA CYS D 41 11.08 27.99 -20.15
C CYS D 41 12.35 28.66 -19.66
N GLU D 42 12.90 29.58 -20.45
CA GLU D 42 14.14 30.25 -20.06
C GLU D 42 13.92 31.19 -18.87
N ALA D 43 12.76 31.87 -18.84
CA ALA D 43 12.53 32.87 -17.81
C ALA D 43 12.45 32.25 -16.41
N HIS D 44 11.81 31.10 -16.30
CA HIS D 44 11.56 30.46 -15.00
C HIS D 44 12.58 29.37 -14.68
N ALA D 45 13.75 29.40 -15.32
CA ALA D 45 14.75 28.37 -15.06
C ALA D 45 15.26 28.42 -13.62
N LYS D 46 15.48 29.63 -13.10
CA LYS D 46 16.02 29.78 -11.76
C LYS D 46 15.05 29.34 -10.67
N GLU D 47 13.75 29.27 -10.98
CA GLU D 47 12.74 28.89 -10.01
C GLU D 47 12.40 27.41 -10.05
N ASP D 48 13.11 26.62 -10.86
CA ASP D 48 12.83 25.19 -10.97
C ASP D 48 13.90 24.41 -10.22
N PRO D 49 13.57 23.79 -9.09
CA PRO D 49 14.59 23.04 -8.32
C PRO D 49 14.81 21.60 -8.79
N LEU D 50 14.18 21.17 -9.88
CA LEU D 50 14.34 19.80 -10.35
C LEU D 50 15.52 19.65 -11.30
N LEU D 51 15.72 20.60 -12.20
CA LEU D 51 16.82 20.52 -13.16
C LEU D 51 18.14 21.02 -12.58
N THR D 52 18.13 21.58 -11.38
CA THR D 52 19.35 21.97 -10.68
C THR D 52 19.33 21.31 -9.30
N PRO D 53 20.42 20.65 -8.89
CA PRO D 53 20.43 19.99 -7.58
C PRO D 53 20.32 20.99 -6.44
N VAL D 54 19.20 20.94 -5.73
CA VAL D 54 18.96 21.88 -4.61
C VAL D 54 19.92 21.57 -3.47
N PRO D 55 20.47 22.57 -2.79
CA PRO D 55 21.31 22.28 -1.62
C PRO D 55 20.51 21.63 -0.51
N ALA D 56 21.21 20.83 0.31
CA ALA D 56 20.53 20.07 1.36
C ALA D 56 19.88 20.98 2.39
N SER D 57 20.42 22.20 2.57
CA SER D 57 19.82 23.12 3.53
C SER D 57 18.41 23.54 3.11
N GLU D 58 18.23 23.88 1.82
CA GLU D 58 16.92 24.28 1.34
C GLU D 58 16.00 23.08 1.14
N ASN D 59 16.56 21.91 0.87
CA ASN D 59 15.76 20.73 0.58
C ASN D 59 15.04 20.26 1.84
N PRO D 60 13.71 20.17 1.84
CA PRO D 60 13.01 19.65 3.03
C PRO D 60 12.95 18.13 3.08
N PHE D 61 13.29 17.44 2.01
CA PHE D 61 13.23 15.99 1.96
C PHE D 61 14.58 15.33 2.23
N ARG D 62 15.60 16.10 2.58
CA ARG D 62 16.92 15.55 2.84
C ARG D 62 16.96 14.74 4.14
N ASP E 1 -25.24 18.88 18.34
CA ASP E 1 -23.84 18.88 17.94
C ASP E 1 -22.96 18.27 19.01
N VAL E 2 -21.74 18.78 19.15
CA VAL E 2 -20.82 18.27 20.16
C VAL E 2 -21.29 18.69 21.54
N GLN E 3 -20.95 17.87 22.54
CA GLN E 3 -21.34 18.13 23.91
C GLN E 3 -20.52 17.26 24.85
N LEU E 4 -19.94 17.87 25.87
CA LEU E 4 -19.19 17.17 26.91
C LEU E 4 -19.79 17.56 28.26
N VAL E 5 -20.83 16.86 28.67
CA VAL E 5 -21.46 17.05 29.97
C VAL E 5 -20.81 16.09 30.96
N GLU E 6 -20.66 16.53 32.20
CA GLU E 6 -19.96 15.74 33.21
C GLU E 6 -20.51 16.05 34.59
N SER E 7 -20.28 15.11 35.51
CA SER E 7 -20.72 15.25 36.89
C SER E 7 -19.88 14.34 37.77
N GLY E 8 -19.93 14.61 39.07
CA GLY E 8 -19.17 13.81 40.02
C GLY E 8 -18.55 14.62 41.14
N GLY E 9 -18.73 15.93 41.12
CA GLY E 9 -18.21 16.79 42.16
C GLY E 9 -19.15 16.91 43.34
N GLY E 10 -18.70 17.65 44.33
CA GLY E 10 -19.49 17.87 45.54
C GLY E 10 -18.57 18.21 46.70
N LEU E 11 -19.04 17.85 47.90
CA LEU E 11 -18.33 18.13 49.14
C LEU E 11 -17.60 16.88 49.60
N VAL E 12 -16.30 16.98 49.81
CA VAL E 12 -15.46 15.87 50.24
C VAL E 12 -14.65 16.30 51.44
N GLN E 13 -14.70 15.50 52.52
CA GLN E 13 -13.81 15.74 53.65
C GLN E 13 -12.37 15.39 53.26
N PRO E 14 -11.38 16.06 53.86
CA PRO E 14 -9.99 15.76 53.53
C PRO E 14 -9.65 14.31 53.84
N GLY E 15 -8.85 13.70 52.97
CA GLY E 15 -8.51 12.30 53.08
C GLY E 15 -9.49 11.36 52.41
N GLY E 16 -10.57 11.87 51.84
CA GLY E 16 -11.55 11.04 51.17
C GLY E 16 -11.18 10.75 49.73
N SER E 17 -12.18 10.34 48.96
CA SER E 17 -11.97 10.00 47.56
C SER E 17 -13.24 10.28 46.78
N ARG E 18 -13.09 10.42 45.46
CA ARG E 18 -14.24 10.63 44.58
C ARG E 18 -13.84 10.21 43.18
N LYS E 19 -14.81 10.25 42.28
CA LYS E 19 -14.63 9.82 40.89
C LYS E 19 -15.43 10.75 39.99
N LEU E 20 -14.73 11.59 39.23
CA LEU E 20 -15.37 12.50 38.29
C LEU E 20 -15.41 11.87 36.91
N SER E 21 -16.61 11.80 36.34
CA SER E 21 -16.83 11.15 35.05
C SER E 21 -17.24 12.18 34.01
N CYS E 22 -16.62 12.08 32.83
CA CYS E 22 -16.91 12.98 31.72
C CYS E 22 -17.65 12.20 30.64
N SER E 23 -18.88 12.62 30.33
CA SER E 23 -19.70 11.96 29.33
C SER E 23 -19.61 12.74 28.03
N ALA E 24 -19.21 12.07 26.95
CA ALA E 24 -19.01 12.69 25.66
C ALA E 24 -20.00 12.13 24.64
N SER E 25 -20.52 13.00 23.79
CA SER E 25 -21.47 12.59 22.76
C SER E 25 -21.38 13.56 21.60
N GLY E 26 -21.86 13.10 20.44
CA GLY E 26 -21.90 13.94 19.25
C GLY E 26 -20.62 13.98 18.44
N PHE E 27 -19.62 13.18 18.78
CA PHE E 27 -18.38 13.14 18.01
C PHE E 27 -17.71 11.80 18.24
N ALA E 28 -16.71 11.51 17.41
CA ALA E 28 -15.97 10.27 17.50
C ALA E 28 -15.03 10.31 18.70
N PHE E 29 -15.52 9.88 19.87
CA PHE E 29 -14.72 9.95 21.09
C PHE E 29 -13.52 9.02 21.04
N SER E 30 -13.64 7.89 20.34
CA SER E 30 -12.57 6.91 20.32
C SER E 30 -11.29 7.41 19.64
N SER E 31 -11.40 8.43 18.79
CA SER E 31 -10.25 8.97 18.08
C SER E 31 -9.76 10.29 18.65
N PHE E 32 -10.36 10.78 19.73
CA PHE E 32 -10.01 12.07 20.33
C PHE E 32 -9.30 11.85 21.66
N GLY E 33 -8.17 12.52 21.84
CA GLY E 33 -7.55 12.58 23.14
C GLY E 33 -8.34 13.45 24.09
N MET E 34 -8.20 13.18 25.38
CA MET E 34 -8.93 13.90 26.42
C MET E 34 -7.97 14.44 27.44
N HIS E 35 -8.18 15.68 27.86
CA HIS E 35 -7.39 16.34 28.89
C HIS E 35 -8.26 16.60 30.11
N TRP E 36 -7.68 17.27 31.11
CA TRP E 36 -8.41 17.66 32.31
C TRP E 36 -7.80 18.94 32.83
N VAL E 37 -8.57 20.02 32.81
CA VAL E 37 -8.12 21.33 33.25
C VAL E 37 -9.06 21.82 34.35
N ARG E 38 -8.49 22.24 35.48
CA ARG E 38 -9.25 22.76 36.60
C ARG E 38 -8.96 24.24 36.78
N GLN E 39 -9.79 24.88 37.61
CA GLN E 39 -9.65 26.30 37.87
C GLN E 39 -10.10 26.58 39.29
N ALA E 40 -9.25 27.26 40.05
CA ALA E 40 -9.58 27.62 41.42
C ALA E 40 -10.74 28.62 41.43
N PRO E 41 -11.48 28.72 42.54
CA PRO E 41 -12.62 29.64 42.57
C PRO E 41 -12.26 31.08 42.32
N GLU E 42 -11.01 31.49 42.55
CA GLU E 42 -10.56 32.85 42.28
C GLU E 42 -9.31 32.95 41.42
N LYS E 43 -8.55 31.87 41.26
CA LYS E 43 -7.31 31.91 40.50
C LYS E 43 -7.57 31.51 39.04
N GLY E 44 -6.50 31.29 38.29
CA GLY E 44 -6.60 30.92 36.89
C GLY E 44 -6.61 29.42 36.68
N LEU E 45 -6.39 29.04 35.43
CA LEU E 45 -6.43 27.64 35.03
C LEU E 45 -5.15 26.91 35.45
N GLU E 46 -5.20 25.58 35.38
CA GLU E 46 -4.04 24.74 35.69
C GLU E 46 -4.26 23.33 35.14
N TRP E 47 -3.26 22.80 34.44
CA TRP E 47 -3.37 21.46 33.88
C TRP E 47 -3.32 20.40 34.97
N VAL E 48 -4.03 19.30 34.74
CA VAL E 48 -4.15 18.24 35.73
C VAL E 48 -3.62 16.91 35.19
N ALA E 49 -4.28 16.40 34.14
CA ALA E 49 -3.93 15.09 33.61
C ALA E 49 -4.35 15.02 32.15
N TYR E 50 -3.77 14.05 31.44
CA TYR E 50 -4.01 13.89 30.02
C TYR E 50 -3.92 12.41 29.65
N ILE E 51 -4.88 11.95 28.86
CA ILE E 51 -4.89 10.59 28.33
C ILE E 51 -5.04 10.68 26.81
N SER E 52 -4.33 9.81 26.09
CA SER E 52 -4.31 9.87 24.64
C SER E 52 -5.38 8.93 24.07
N SER E 53 -5.44 8.84 22.74
CA SER E 53 -6.35 7.92 22.08
C SER E 53 -5.86 6.49 22.25
N GLY E 54 -6.76 5.59 22.63
CA GLY E 54 -6.39 4.22 22.86
C GLY E 54 -5.67 3.96 24.17
N SER E 55 -5.64 4.94 25.07
CA SER E 55 -4.97 4.80 26.37
C SER E 55 -3.50 4.42 26.22
N GLY E 56 -2.85 5.02 25.21
CA GLY E 56 -1.46 4.72 24.94
C GLY E 56 -0.49 5.46 25.85
N THR E 57 -0.65 6.78 25.96
CA THR E 57 0.23 7.61 26.76
C THR E 57 -0.60 8.39 27.78
N ILE E 58 -0.13 8.40 29.03
CA ILE E 58 -0.79 9.10 30.12
C ILE E 58 0.23 9.99 30.81
N TYR E 59 -0.17 11.21 31.13
CA TYR E 59 0.69 12.17 31.79
C TYR E 59 -0.04 12.77 32.99
N TYR E 60 0.74 13.26 33.95
CA TYR E 60 0.21 13.88 35.15
C TYR E 60 1.08 15.08 35.51
N ALA E 61 0.46 16.04 36.22
CA ALA E 61 1.22 17.18 36.70
C ALA E 61 2.08 16.78 37.91
N ASP E 62 3.09 17.59 38.18
CA ASP E 62 4.03 17.27 39.25
C ASP E 62 3.37 17.32 40.62
N THR E 63 2.37 18.18 40.78
CA THR E 63 1.70 18.35 42.07
C THR E 63 0.54 17.39 42.28
N VAL E 64 0.28 16.49 41.34
CA VAL E 64 -0.90 15.64 41.43
C VAL E 64 -0.50 14.19 41.14
N LYS E 65 0.74 14.00 40.70
CA LYS E 65 1.20 12.67 40.31
C LYS E 65 1.06 11.67 41.45
N GLY E 66 0.49 10.52 41.15
CA GLY E 66 0.28 9.46 42.12
C GLY E 66 -1.07 9.49 42.81
N ARG E 67 -1.57 10.69 43.13
CA ARG E 67 -2.84 10.80 43.85
C ARG E 67 -4.02 10.50 42.94
N PHE E 68 -3.98 10.98 41.70
CA PHE E 68 -5.11 10.82 40.77
C PHE E 68 -4.84 9.68 39.81
N THR E 69 -5.84 9.39 38.99
CA THR E 69 -5.73 8.40 37.93
C THR E 69 -6.78 8.69 36.87
N ILE E 70 -6.37 8.70 35.60
CA ILE E 70 -7.24 9.00 34.47
C ILE E 70 -7.48 7.72 33.70
N SER E 71 -8.75 7.42 33.45
CA SER E 71 -9.13 6.22 32.70
C SER E 71 -10.30 6.56 31.78
N ARG E 72 -10.42 5.79 30.71
CA ARG E 72 -11.49 6.00 29.73
C ARG E 72 -12.65 5.04 29.97
N LYS E 76 -17.44 3.17 25.40
CA LYS E 76 -18.64 3.54 26.15
C LYS E 76 -18.85 5.05 26.15
N ASN E 77 -17.91 5.77 25.52
CA ASN E 77 -17.96 7.22 25.39
C ASN E 77 -18.06 7.90 26.76
N THR E 78 -17.03 7.67 27.57
CA THR E 78 -16.98 8.26 28.90
C THR E 78 -15.52 8.33 29.36
N LEU E 79 -15.15 9.44 29.97
CA LEU E 79 -13.81 9.65 30.52
C LEU E 79 -13.91 9.74 32.04
N PHE E 80 -13.03 9.02 32.72
CA PHE E 80 -13.01 8.97 34.18
C PHE E 80 -11.74 9.63 34.71
N LEU E 81 -11.83 10.08 35.97
CA LEU E 81 -10.68 10.63 36.69
C LEU E 81 -10.75 10.09 38.12
N GLN E 82 -10.10 8.95 38.35
CA GLN E 82 -10.04 8.40 39.70
C GLN E 82 -9.26 9.33 40.61
N MET E 83 -9.78 9.57 41.81
CA MET E 83 -9.27 10.63 42.68
C MET E 83 -9.16 10.07 44.10
N THR E 84 -7.95 10.10 44.65
CA THR E 84 -7.67 9.54 45.96
C THR E 84 -6.93 10.56 46.82
N SER E 85 -7.20 10.51 48.13
CA SER E 85 -6.52 11.34 49.12
C SER E 85 -6.66 12.82 48.79
N LEU E 86 -7.90 13.30 48.78
CA LEU E 86 -8.17 14.70 48.49
C LEU E 86 -7.73 15.58 49.66
N ARG E 87 -7.03 16.66 49.36
CA ARG E 87 -6.58 17.62 50.34
C ARG E 87 -7.23 18.98 50.09
N SER E 88 -6.98 19.91 51.01
CA SER E 88 -7.64 21.21 50.98
C SER E 88 -7.24 22.06 49.78
N GLU E 89 -6.16 21.71 49.07
CA GLU E 89 -5.71 22.47 47.92
C GLU E 89 -6.32 21.98 46.60
N ASP E 90 -7.17 20.96 46.65
CA ASP E 90 -7.75 20.39 45.43
C ASP E 90 -9.13 20.94 45.11
N THR E 91 -9.64 21.89 45.90
CA THR E 91 -10.94 22.49 45.59
C THR E 91 -10.81 23.38 44.36
N ALA E 92 -11.68 23.16 43.38
CA ALA E 92 -11.63 23.86 42.11
C ALA E 92 -12.83 23.44 41.28
N MET E 93 -12.95 24.02 40.09
CA MET E 93 -13.94 23.62 39.10
C MET E 93 -13.22 22.91 37.97
N TYR E 94 -13.60 21.66 37.70
CA TYR E 94 -12.90 20.80 36.75
C TYR E 94 -13.61 20.80 35.41
N TYR E 95 -12.84 20.92 34.33
CA TYR E 95 -13.37 20.95 32.98
C TYR E 95 -12.89 19.73 32.20
N CYS E 96 -13.69 19.33 31.22
CA CYS E 96 -13.35 18.24 30.31
C CYS E 96 -13.00 18.86 28.96
N VAL E 97 -11.80 18.55 28.46
CA VAL E 97 -11.29 19.16 27.24
C VAL E 97 -10.91 18.06 26.26
N ARG E 98 -11.34 18.21 25.02
CA ARG E 98 -10.97 17.31 23.93
C ARG E 98 -9.85 17.92 23.08
N SER E 99 -9.12 17.05 22.41
CA SER E 99 -8.03 17.50 21.54
C SER E 99 -7.60 16.34 20.65
N ILE E 100 -7.42 16.64 19.36
CA ILE E 100 -6.94 15.67 18.38
C ILE E 100 -5.68 16.23 17.73
N TYR E 101 -4.65 15.41 17.62
CA TYR E 101 -3.35 15.83 17.13
C TYR E 101 -3.04 15.14 15.81
N TYR E 102 -2.94 15.91 14.74
CA TYR E 102 -2.36 15.47 13.48
C TYR E 102 -1.89 16.73 12.74
N TYR E 103 -1.56 16.59 11.46
CA TYR E 103 -1.06 17.72 10.70
C TYR E 103 -2.21 18.68 10.41
N GLY E 104 -2.08 19.92 10.88
CA GLY E 104 -3.12 20.91 10.70
C GLY E 104 -4.29 20.80 11.66
N SER E 105 -4.16 20.01 12.71
CA SER E 105 -5.24 19.80 13.65
C SER E 105 -5.41 21.01 14.57
N SER E 106 -6.51 21.02 15.32
CA SER E 106 -6.86 22.11 16.23
C SER E 106 -7.07 21.54 17.62
N PRO E 107 -6.01 21.36 18.40
CA PRO E 107 -6.17 20.85 19.76
C PRO E 107 -6.91 21.83 20.65
N PHE E 108 -7.55 21.28 21.69
CA PHE E 108 -8.27 22.07 22.69
C PHE E 108 -9.40 22.87 22.08
N ASP E 109 -10.01 22.36 21.00
CA ASP E 109 -11.01 23.13 20.29
C ASP E 109 -12.29 23.31 21.10
N PHE E 110 -12.73 22.25 21.80
CA PHE E 110 -13.97 22.29 22.54
C PHE E 110 -13.72 21.99 24.02
N TRP E 111 -14.50 22.63 24.89
CA TRP E 111 -14.37 22.50 26.33
C TRP E 111 -15.71 22.10 26.92
N GLY E 112 -15.64 21.35 28.02
CA GLY E 112 -16.84 20.91 28.70
C GLY E 112 -17.46 21.98 29.56
N GLN E 113 -18.65 21.68 30.08
CA GLN E 113 -19.35 22.63 30.95
C GLN E 113 -18.63 22.80 32.28
N GLY E 114 -18.27 21.69 32.93
CA GLY E 114 -17.48 21.77 34.12
C GLY E 114 -18.25 21.34 35.36
N THR E 115 -17.50 20.89 36.37
CA THR E 115 -18.05 20.52 37.67
C THR E 115 -17.23 21.17 38.77
N THR E 116 -17.91 21.52 39.86
CA THR E 116 -17.29 22.15 41.01
C THR E 116 -17.17 21.13 42.14
N LEU E 117 -15.97 21.00 42.70
CA LEU E 117 -15.72 20.12 43.83
C LEU E 117 -15.12 20.94 44.96
N THR E 118 -15.63 20.76 46.17
CA THR E 118 -15.20 21.51 47.34
C THR E 118 -14.68 20.54 48.40
N VAL E 119 -13.48 20.82 48.91
CA VAL E 119 -12.87 20.04 49.97
C VAL E 119 -12.60 20.97 51.14
N SER E 120 -13.09 20.59 52.32
CA SER E 120 -12.89 21.38 53.52
C SER E 120 -11.58 21.02 54.22
N GLY E 135 10.56 22.78 38.52
CA GLY E 135 11.91 23.03 38.07
C GLY E 135 12.04 23.07 36.56
N SER E 136 11.45 22.08 35.89
CA SER E 136 11.47 21.99 34.44
C SER E 136 10.26 22.64 33.78
N ASP E 137 9.35 23.22 34.56
CA ASP E 137 8.17 23.84 33.99
C ASP E 137 8.53 25.10 33.22
N ILE E 138 7.88 25.29 32.08
CA ILE E 138 8.06 26.50 31.29
C ILE E 138 7.13 27.57 31.84
N VAL E 139 7.70 28.56 32.52
CA VAL E 139 6.92 29.56 33.23
C VAL E 139 6.37 30.58 32.25
N MET E 140 5.05 30.77 32.25
CA MET E 140 4.38 31.77 31.43
C MET E 140 3.74 32.80 32.34
N THR E 141 4.01 34.07 32.08
CA THR E 141 3.51 35.15 32.92
C THR E 141 2.81 36.19 32.05
N GLN E 142 1.71 36.73 32.58
CA GLN E 142 0.98 37.83 31.96
C GLN E 142 1.05 39.01 32.92
N ALA E 143 1.90 40.00 32.59
CA ALA E 143 2.13 41.11 33.49
C ALA E 143 0.87 41.95 33.71
N THR E 144 0.12 42.21 32.65
CA THR E 144 -1.07 43.05 32.73
C THR E 144 -2.21 42.23 33.35
N SER E 145 -2.55 42.55 34.60
CA SER E 145 -3.63 41.85 35.27
C SER E 145 -4.99 42.23 34.69
N SER E 146 -5.19 43.52 34.40
CA SER E 146 -6.44 44.01 33.87
C SER E 146 -6.19 45.11 32.86
N VAL E 147 -7.11 45.27 31.92
CA VAL E 147 -7.03 46.30 30.90
C VAL E 147 -8.42 46.89 30.68
N PRO E 148 -8.65 48.15 31.05
CA PRO E 148 -9.94 48.79 30.77
C PRO E 148 -9.96 49.35 29.36
N VAL E 149 -10.93 48.92 28.56
CA VAL E 149 -11.03 49.31 27.16
C VAL E 149 -12.48 49.63 26.84
N THR E 150 -12.70 50.69 26.06
CA THR E 150 -14.02 51.06 25.58
C THR E 150 -14.39 50.23 24.36
N PRO E 151 -15.68 50.00 24.13
CA PRO E 151 -16.10 49.24 22.95
C PRO E 151 -15.78 49.99 21.66
N GLY E 152 -15.46 49.24 20.63
CA GLY E 152 -15.06 49.80 19.36
C GLY E 152 -13.61 50.22 19.26
N GLU E 153 -12.81 50.00 20.31
CA GLU E 153 -11.41 50.39 20.34
C GLU E 153 -10.54 49.15 20.34
N SER E 154 -9.43 49.22 19.61
CA SER E 154 -8.50 48.09 19.53
C SER E 154 -7.75 47.91 20.84
N VAL E 155 -7.50 46.65 21.19
CA VAL E 155 -6.79 46.30 22.41
C VAL E 155 -5.74 45.26 22.08
N SER E 156 -4.86 45.01 23.06
CA SER E 156 -3.79 44.04 22.89
C SER E 156 -3.54 43.33 24.21
N ILE E 157 -3.20 42.04 24.13
CA ILE E 157 -2.87 41.22 25.29
C ILE E 157 -1.50 40.61 25.05
N SER E 158 -0.62 40.69 26.06
CA SER E 158 0.75 40.26 25.93
C SER E 158 1.03 39.07 26.84
N CYS E 159 1.91 38.18 26.37
CA CYS E 159 2.32 37.00 27.12
C CYS E 159 3.82 36.81 26.96
N ARG E 160 4.43 36.12 27.92
CA ARG E 160 5.86 35.87 27.91
C ARG E 160 6.12 34.39 28.16
N SER E 161 7.40 34.02 28.15
CA SER E 161 7.80 32.64 28.38
C SER E 161 9.22 32.62 28.92
N SER E 162 9.60 31.48 29.50
CA SER E 162 10.95 31.28 29.98
C SER E 162 11.84 30.56 28.99
N LYS E 163 11.24 29.89 28.00
CA LYS E 163 11.99 29.19 26.97
C LYS E 163 11.36 29.50 25.61
N SER E 164 12.16 29.34 24.56
CA SER E 164 11.67 29.57 23.22
C SER E 164 10.67 28.48 22.84
N LEU E 165 9.50 28.89 22.38
CA LEU E 165 8.44 27.96 22.01
C LEU E 165 8.49 27.55 20.55
N LEU E 166 9.41 28.11 19.76
CA LEU E 166 9.53 27.79 18.35
C LEU E 166 10.39 26.53 18.19
N HIS E 167 9.76 25.43 17.81
CA HIS E 167 10.49 24.19 17.60
C HIS E 167 11.26 24.25 16.28
N SER E 168 12.06 23.21 16.04
CA SER E 168 12.87 23.16 14.82
C SER E 168 12.01 23.08 13.58
N ASN E 169 10.84 22.44 13.66
CA ASN E 169 9.97 22.30 12.49
C ASN E 169 9.33 23.62 12.07
N GLY E 170 9.38 24.65 12.90
CA GLY E 170 8.87 25.95 12.54
C GLY E 170 7.51 26.31 13.10
N ASN E 171 6.97 25.51 14.02
CA ASN E 171 5.65 25.76 14.60
C ASN E 171 5.82 26.23 16.04
N THR E 172 5.33 27.44 16.33
CA THR E 172 5.24 27.89 17.71
C THR E 172 4.00 27.30 18.37
N TYR E 173 4.07 27.12 19.68
CA TYR E 173 3.02 26.41 20.39
C TYR E 173 2.35 27.26 21.46
N LEU E 174 1.99 28.49 21.11
CA LEU E 174 1.29 29.38 22.03
C LEU E 174 -0.19 29.36 21.68
N TYR E 175 -1.01 28.94 22.64
CA TYR E 175 -2.46 28.86 22.48
C TYR E 175 -3.12 29.99 23.26
N TRP E 176 -4.16 30.56 22.67
CA TRP E 176 -4.91 31.66 23.30
C TRP E 176 -6.34 31.21 23.53
N PHE E 177 -6.84 31.45 24.74
CA PHE E 177 -8.21 31.11 25.11
C PHE E 177 -8.92 32.35 25.64
N LEU E 178 -10.26 32.33 25.54
CA LEU E 178 -11.09 33.39 26.05
C LEU E 178 -12.15 32.79 26.98
N GLN E 179 -12.29 33.37 28.17
CA GLN E 179 -13.26 32.91 29.16
C GLN E 179 -14.26 34.03 29.40
N ARG E 180 -15.46 33.89 28.83
CA ARG E 180 -16.51 34.85 29.07
C ARG E 180 -16.99 34.74 30.52
N PRO E 181 -17.54 35.83 31.08
CA PRO E 181 -18.00 35.78 32.48
C PRO E 181 -19.09 34.73 32.67
N GLY E 182 -18.85 33.82 33.60
CA GLY E 182 -19.78 32.74 33.86
C GLY E 182 -19.95 31.78 32.71
N GLN E 183 -18.86 31.40 32.07
CA GLN E 183 -18.92 30.50 30.92
C GLN E 183 -17.62 29.72 30.83
N SER E 184 -17.66 28.62 30.07
CA SER E 184 -16.50 27.80 29.85
C SER E 184 -15.55 28.46 28.84
N PRO E 185 -14.26 28.17 28.93
CA PRO E 185 -13.31 28.74 27.97
C PRO E 185 -13.56 28.24 26.56
N GLN E 186 -13.20 29.07 25.58
CA GLN E 186 -13.32 28.73 24.17
C GLN E 186 -11.99 29.00 23.48
N LEU E 187 -11.65 28.16 22.50
CA LEU E 187 -10.41 28.33 21.76
C LEU E 187 -10.53 29.49 20.78
N LEU E 188 -9.50 30.33 20.75
CA LEU E 188 -9.48 31.49 19.85
C LEU E 188 -8.37 31.40 18.82
N ILE E 189 -7.12 31.19 19.24
CA ILE E 189 -5.99 31.11 18.33
C ILE E 189 -5.10 29.95 18.77
N TYR E 190 -4.73 29.10 17.81
CA TYR E 190 -3.85 27.96 18.08
C TYR E 190 -2.58 28.09 17.27
N ARG E 191 -1.46 27.68 17.87
CA ARG E 191 -0.12 27.76 17.27
C ARG E 191 0.29 29.21 16.98
N MET E 192 -0.29 30.15 17.72
CA MET E 192 0.16 31.54 17.78
C MET E 192 -0.03 32.31 16.49
N SER E 193 -0.49 31.63 15.43
CA SER E 193 -0.75 32.32 14.17
C SER E 193 -2.06 31.92 13.49
N ASN E 194 -2.62 30.76 13.78
CA ASN E 194 -3.82 30.30 13.10
C ASN E 194 -5.07 30.72 13.87
N LEU E 195 -6.18 30.82 13.14
CA LEU E 195 -7.46 31.21 13.71
C LEU E 195 -8.36 29.99 13.80
N ALA E 196 -8.95 29.79 14.98
CA ALA E 196 -9.84 28.65 15.17
C ALA E 196 -11.13 28.85 14.38
N SER E 197 -11.84 27.75 14.15
CA SER E 197 -13.10 27.81 13.41
C SER E 197 -14.20 28.38 14.29
N GLY E 198 -15.05 29.21 13.70
CA GLY E 198 -16.20 29.77 14.37
C GLY E 198 -15.96 31.10 15.06
N VAL E 199 -14.73 31.57 15.13
CA VAL E 199 -14.42 32.85 15.77
C VAL E 199 -14.31 33.90 14.67
N PRO E 200 -14.84 35.11 14.88
CA PRO E 200 -14.73 36.14 13.84
C PRO E 200 -13.29 36.54 13.57
N ASP E 201 -13.07 37.03 12.35
CA ASP E 201 -11.73 37.33 11.85
C ASP E 201 -11.10 38.55 12.52
N ARG E 202 -11.85 39.27 13.35
CA ARG E 202 -11.29 40.44 14.01
C ARG E 202 -10.10 40.08 14.90
N PHE E 203 -10.12 38.90 15.50
CA PHE E 203 -9.01 38.47 16.34
C PHE E 203 -7.78 38.15 15.49
N SER E 204 -6.61 38.45 16.04
CA SER E 204 -5.35 38.14 15.39
C SER E 204 -4.27 37.97 16.44
N GLY E 205 -3.27 37.15 16.13
CA GLY E 205 -2.21 36.87 17.07
C GLY E 205 -0.87 36.78 16.36
N SER E 206 0.19 37.01 17.13
CA SER E 206 1.55 36.97 16.61
C SER E 206 2.51 36.80 17.79
N GLY E 207 3.79 36.69 17.47
CA GLY E 207 4.81 36.53 18.49
C GLY E 207 6.15 36.22 17.85
N SER E 208 7.16 36.13 18.72
CA SER E 208 8.52 35.85 18.25
C SER E 208 9.30 35.22 19.40
N GLY E 209 9.40 33.89 19.38
CA GLY E 209 10.29 33.18 20.28
C GLY E 209 9.80 33.07 21.71
N THR E 210 9.79 34.20 22.43
CA THR E 210 9.44 34.22 23.83
C THR E 210 8.31 35.18 24.18
N ALA E 211 8.15 36.26 23.43
CA ALA E 211 7.11 37.24 23.67
C ALA E 211 6.00 37.08 22.65
N PHE E 212 4.76 37.02 23.13
CA PHE E 212 3.60 36.82 22.27
C PHE E 212 2.56 37.90 22.56
N THR E 213 1.80 38.24 21.52
CA THR E 213 0.76 39.26 21.63
C THR E 213 -0.44 38.86 20.79
N LEU E 214 -1.61 39.30 21.22
CA LEU E 214 -2.86 39.08 20.50
C LEU E 214 -3.60 40.40 20.38
N THR E 215 -4.01 40.75 19.18
CA THR E 215 -4.66 42.02 18.91
C THR E 215 -6.11 41.80 18.50
N ILE E 216 -6.98 42.71 18.93
CA ILE E 216 -8.39 42.70 18.61
C ILE E 216 -8.76 44.03 17.97
N SER E 217 -9.48 43.98 16.86
CA SER E 217 -9.94 45.18 16.16
C SER E 217 -11.47 45.20 16.15
N ARG E 218 -12.03 46.39 16.30
CA ARG E 218 -13.48 46.58 16.37
C ARG E 218 -14.09 45.74 17.50
N LEU E 219 -13.67 46.07 18.71
CA LEU E 219 -14.09 45.32 19.89
C LEU E 219 -15.59 45.52 20.14
N GLU E 220 -16.24 44.45 20.58
CA GLU E 220 -17.67 44.45 20.88
C GLU E 220 -17.90 43.84 22.25
N ALA E 221 -19.17 43.79 22.66
CA ALA E 221 -19.50 43.27 23.98
C ALA E 221 -19.19 41.79 24.12
N GLU E 222 -19.12 41.05 23.00
CA GLU E 222 -18.83 39.63 23.06
C GLU E 222 -17.37 39.33 23.36
N ASP E 223 -16.50 40.33 23.28
CA ASP E 223 -15.07 40.15 23.55
C ASP E 223 -14.71 40.36 25.02
N VAL E 224 -15.68 40.72 25.86
CA VAL E 224 -15.40 40.97 27.26
C VAL E 224 -15.18 39.63 27.98
N GLY E 225 -14.08 39.53 28.70
CA GLY E 225 -13.78 38.31 29.43
C GLY E 225 -12.34 38.31 29.91
N VAL E 226 -11.85 37.11 30.20
CA VAL E 226 -10.48 36.89 30.66
C VAL E 226 -9.75 36.04 29.65
N TYR E 227 -8.60 36.50 29.19
CA TYR E 227 -7.81 35.81 28.17
C TYR E 227 -6.66 35.06 28.84
N TYR E 228 -6.40 33.84 28.36
CA TYR E 228 -5.40 32.97 28.96
C TYR E 228 -4.36 32.58 27.92
N CYS E 229 -3.10 32.61 28.31
CA CYS E 229 -1.97 32.25 27.46
C CYS E 229 -1.43 30.90 27.88
N MET E 230 -1.36 29.97 26.94
CA MET E 230 -0.97 28.60 27.23
C MET E 230 0.09 28.13 26.24
N GLN E 231 1.01 27.30 26.72
CA GLN E 231 2.01 26.66 25.89
C GLN E 231 1.70 25.18 25.77
N HIS E 232 2.30 24.55 24.75
CA HIS E 232 2.12 23.12 24.53
C HIS E 232 3.42 22.43 24.13
N LEU E 233 4.57 23.06 24.38
CA LEU E 233 5.83 22.50 23.91
C LEU E 233 6.29 21.31 24.75
N GLU E 234 5.94 21.28 26.03
CA GLU E 234 6.38 20.18 26.89
C GLU E 234 5.47 20.08 28.10
N TYR E 235 5.20 18.86 28.52
CA TYR E 235 4.40 18.64 29.72
C TYR E 235 5.22 18.90 30.98
N PRO E 236 4.59 19.44 32.04
CA PRO E 236 3.18 19.79 32.16
C PRO E 236 2.81 21.05 31.39
N LEU E 237 1.54 21.18 31.01
CA LEU E 237 1.08 22.33 30.23
C LEU E 237 0.79 23.48 31.19
N THR E 238 1.74 24.40 31.30
CA THR E 238 1.60 25.52 32.23
C THR E 238 0.76 26.62 31.60
N PHE E 239 -0.23 27.10 32.35
CA PHE E 239 -1.10 28.17 31.92
C PHE E 239 -0.56 29.50 32.42
N GLY E 240 -1.24 30.58 32.06
CA GLY E 240 -0.89 31.92 32.49
C GLY E 240 -1.81 32.42 33.60
N ALA E 241 -1.43 33.58 34.14
CA ALA E 241 -2.23 34.20 35.19
C ALA E 241 -3.50 34.85 34.64
N GLY E 242 -3.54 35.15 33.34
CA GLY E 242 -4.73 35.68 32.72
C GLY E 242 -4.74 37.20 32.70
N THR E 243 -5.50 37.74 31.74
CA THR E 243 -5.72 39.17 31.61
C THR E 243 -7.22 39.43 31.56
N LYS E 244 -7.70 40.29 32.45
CA LYS E 244 -9.13 40.60 32.55
C LYS E 244 -9.42 41.84 31.73
N LEU E 245 -10.14 41.68 30.62
CA LEU E 245 -10.51 42.79 29.76
C LEU E 245 -11.93 43.25 30.10
N GLU E 246 -12.05 43.87 31.27
CA GLU E 246 -13.34 44.33 31.75
C GLU E 246 -13.82 45.53 30.93
N LEU E 247 -15.13 45.71 30.89
CA LEU E 247 -15.73 46.81 30.14
C LEU E 247 -15.39 48.14 30.79
N TYR F 1 45.79 -38.27 23.59
CA TYR F 1 44.52 -38.98 23.45
C TYR F 1 43.42 -38.04 23.00
N SER F 2 43.52 -36.78 23.40
CA SER F 2 42.53 -35.76 23.05
C SER F 2 42.76 -35.35 21.59
N PHE F 3 42.25 -36.18 20.68
CA PHE F 3 42.43 -35.96 19.25
C PHE F 3 41.35 -35.03 18.69
N LYS F 4 40.08 -35.38 18.91
CA LYS F 4 39.00 -34.54 18.41
C LYS F 4 38.87 -33.25 19.21
N ASP F 5 39.28 -33.27 20.49
CA ASP F 5 39.33 -32.09 21.34
C ASP F 5 38.00 -31.36 21.40
N MET F 6 36.89 -32.11 21.49
CA MET F 6 35.55 -31.56 21.53
C MET F 6 35.31 -30.60 20.36
N PRO F 7 35.15 -31.13 19.14
CA PRO F 7 34.90 -30.33 17.92
C PRO F 7 33.79 -29.30 18.11
N ARG F 10 29.90 -30.71 18.29
CA ARG F 10 29.41 -31.21 19.56
C ARG F 10 30.11 -30.52 20.72
#